data_5ERO
#
_entry.id   5ERO
#
_cell.length_a   103.577
_cell.length_b   216.122
_cell.length_c   129.234
_cell.angle_alpha   90.00
_cell.angle_beta   90.00
_cell.angle_gamma   90.00
#
_symmetry.space_group_name_H-M   'C 2 2 21'
#
loop_
_entity.id
_entity.type
_entity.pdbx_description
1 polymer 'Fusicoccadiene synthase'
2 non-polymer 'COBALT (II) ION'
3 non-polymer PAMIDRONATE
4 water water
#
_entity_poly.entity_id   1
_entity_poly.type   'polypeptide(L)'
_entity_poly.pdbx_seq_one_letter_code
;MGSSHHHHHHSSGLVPRGSLSTGLSLSPVHSNEGKDLQRVDTDHIFFEKAVLEAPYDYIASMPSKGVRDQFIDALNDWLR
VPDVKVGKIKDAVRVLHNSSLLLDDFQDNSPLRRGKPSTHNIFGSAQTVNTATYSIIKAIGQIMEFSAGESVQEVMNSIM
ILFQGQAMDLFWTYNGHVPSEEEYYRMIDQKTGQLFSIATSLLLNAADNEIPRTKIQSCLHRLTRLLGRCFQIRDDYQNL
VSADYTKQKGFCEDLDEGKWSLALIHMIHKQRSHMALLNVLSTGRKHGGMTLEQKQFVLDIIEEEKSLDYTRSVMMDLHV
QLRAEIGRIEILLDSPNPAMRLLLELLRV
;
_entity_poly.pdbx_strand_id   A,B,C
#
# COMPACT_ATOMS: atom_id res chain seq x y z
N ASP A 43 8.40 -23.94 1.69
CA ASP A 43 7.79 -23.67 2.99
C ASP A 43 7.25 -22.24 3.07
N HIS A 44 7.80 -21.35 2.24
CA HIS A 44 7.39 -19.95 2.26
C HIS A 44 6.08 -19.73 1.51
N ILE A 45 5.28 -20.77 1.39
CA ILE A 45 3.93 -20.66 0.85
C ILE A 45 3.09 -19.85 1.82
N PHE A 46 3.48 -19.91 3.10
CA PHE A 46 2.88 -19.10 4.14
C PHE A 46 3.19 -17.62 3.95
N PHE A 47 4.34 -17.34 3.35
CA PHE A 47 4.75 -15.96 3.09
C PHE A 47 3.88 -15.32 2.00
N GLU A 48 3.52 -16.12 1.00
CA GLU A 48 2.66 -15.66 -0.09
C GLU A 48 1.24 -15.39 0.43
N LYS A 49 0.80 -16.22 1.36
CA LYS A 49 -0.53 -16.07 1.96
C LYS A 49 -0.59 -14.78 2.78
N ALA A 50 0.50 -14.50 3.50
CA ALA A 50 0.59 -13.31 4.33
C ALA A 50 0.53 -12.04 3.48
N VAL A 51 1.21 -12.07 2.34
CA VAL A 51 1.18 -10.97 1.39
C VAL A 51 -0.24 -10.73 0.88
N LEU A 52 -0.91 -11.80 0.51
CA LEU A 52 -2.26 -11.74 -0.05
C LEU A 52 -3.26 -11.19 0.96
N GLU A 53 -3.12 -11.59 2.22
CA GLU A 53 -4.10 -11.25 3.25
C GLU A 53 -3.65 -10.13 4.18
N ALA A 54 -2.52 -9.52 3.88
CA ALA A 54 -2.01 -8.41 4.68
C ALA A 54 -2.97 -7.21 4.72
N PRO A 55 -3.54 -6.80 3.58
CA PRO A 55 -4.51 -5.71 3.65
C PRO A 55 -5.78 -6.08 4.43
N TYR A 56 -6.17 -7.35 4.38
CA TYR A 56 -7.35 -7.77 5.13
C TYR A 56 -7.05 -7.81 6.63
N ASP A 57 -5.87 -8.29 6.98
CA ASP A 57 -5.49 -8.40 8.39
C ASP A 57 -5.37 -7.02 9.03
N TYR A 58 -5.26 -5.99 8.21
CA TYR A 58 -5.14 -4.62 8.69
C TYR A 58 -6.45 -4.07 9.24
N ILE A 59 -7.48 -4.02 8.40
CA ILE A 59 -8.78 -3.49 8.82
C ILE A 59 -9.40 -4.38 9.89
N ALA A 60 -9.19 -5.67 9.78
CA ALA A 60 -9.75 -6.63 10.72
C ALA A 60 -9.12 -6.50 12.10
N SER A 61 -8.01 -5.77 12.18
CA SER A 61 -7.21 -5.73 13.40
C SER A 61 -7.46 -4.49 14.27
N MET A 62 -7.82 -3.37 13.66
CA MET A 62 -7.99 -2.07 14.34
C MET A 62 -8.90 -2.21 15.58
N PRO A 63 -10.07 -1.57 15.57
CA PRO A 63 -11.16 -2.36 16.16
C PRO A 63 -12.39 -2.34 15.25
N SER A 64 -13.08 -1.20 15.24
CA SER A 64 -14.06 -0.79 14.22
C SER A 64 -15.44 -1.43 14.35
N LYS A 65 -15.51 -2.64 14.87
CA LYS A 65 -16.77 -3.38 14.88
C LYS A 65 -17.82 -2.80 15.82
N GLY A 66 -18.93 -3.53 15.98
CA GLY A 66 -20.02 -3.09 16.81
C GLY A 66 -21.35 -3.68 16.33
N VAL A 67 -21.98 -2.99 15.41
CA VAL A 67 -23.32 -3.35 14.92
C VAL A 67 -23.43 -4.77 14.36
N ARG A 68 -22.44 -5.18 13.56
CA ARG A 68 -22.48 -6.48 12.89
C ARG A 68 -22.61 -7.66 13.85
N ASP A 69 -21.67 -7.76 14.79
CA ASP A 69 -21.67 -8.86 15.75
C ASP A 69 -22.87 -8.79 16.69
N GLN A 70 -23.27 -7.58 17.05
CA GLN A 70 -24.41 -7.37 17.93
C GLN A 70 -25.71 -7.86 17.30
N PHE A 71 -25.87 -7.66 16.00
CA PHE A 71 -27.09 -8.06 15.31
C PHE A 71 -27.20 -9.57 15.22
N ILE A 72 -26.08 -10.24 14.97
CA ILE A 72 -26.03 -11.70 14.89
C ILE A 72 -26.36 -12.32 16.25
N ASP A 73 -25.79 -11.75 17.32
CA ASP A 73 -26.08 -12.23 18.67
C ASP A 73 -27.53 -11.97 19.04
N ALA A 74 -28.01 -10.78 18.75
CA ALA A 74 -29.39 -10.40 19.07
C ALA A 74 -30.38 -11.26 18.31
N LEU A 75 -30.09 -11.52 17.05
CA LEU A 75 -30.95 -12.34 16.21
C LEU A 75 -30.99 -13.79 16.72
N ASN A 76 -29.88 -14.24 17.30
CA ASN A 76 -29.77 -15.62 17.74
C ASN A 76 -30.44 -15.87 19.09
N ASP A 77 -30.70 -14.79 19.82
CA ASP A 77 -31.43 -14.88 21.08
C ASP A 77 -32.85 -15.36 20.81
N TRP A 78 -33.28 -15.16 19.57
CA TRP A 78 -34.55 -15.66 19.09
C TRP A 78 -34.42 -17.05 18.47
N LEU A 79 -33.56 -17.16 17.46
CA LEU A 79 -33.46 -18.36 16.64
C LEU A 79 -32.82 -19.55 17.36
N ARG A 80 -31.97 -19.27 18.34
CA ARG A 80 -31.30 -20.31 19.14
C ARG A 80 -30.54 -21.32 18.28
N VAL A 81 -29.69 -20.80 17.40
CA VAL A 81 -28.85 -21.63 16.55
C VAL A 81 -27.58 -22.00 17.31
N PRO A 82 -27.16 -23.28 17.23
CA PRO A 82 -25.95 -23.81 17.87
C PRO A 82 -24.73 -22.90 17.78
N ASP A 83 -23.91 -22.89 18.83
CA ASP A 83 -22.78 -21.99 18.96
C ASP A 83 -21.73 -22.19 17.87
N VAL A 84 -21.57 -23.43 17.42
CA VAL A 84 -20.60 -23.74 16.39
C VAL A 84 -21.05 -23.18 15.04
N LYS A 85 -22.35 -23.30 14.76
CA LYS A 85 -22.89 -22.86 13.48
C LYS A 85 -22.91 -21.33 13.37
N VAL A 86 -23.21 -20.65 14.47
CA VAL A 86 -23.24 -19.19 14.46
C VAL A 86 -21.82 -18.62 14.37
N GLY A 87 -20.85 -19.42 14.81
CA GLY A 87 -19.45 -19.02 14.72
C GLY A 87 -18.99 -19.05 13.28
N LYS A 88 -19.41 -20.08 12.56
CA LYS A 88 -19.11 -20.19 11.14
C LYS A 88 -19.76 -19.06 10.36
N ILE A 89 -20.99 -18.70 10.76
CA ILE A 89 -21.72 -17.61 10.13
C ILE A 89 -21.08 -16.26 10.44
N LYS A 90 -20.65 -16.08 11.68
CA LYS A 90 -20.01 -14.84 12.10
C LYS A 90 -18.74 -14.55 11.30
N ASP A 91 -17.85 -15.53 11.21
CA ASP A 91 -16.57 -15.36 10.53
C ASP A 91 -16.74 -15.04 9.06
N ALA A 92 -17.69 -15.70 8.41
CA ALA A 92 -17.98 -15.47 7.00
C ALA A 92 -18.51 -14.07 6.76
N VAL A 93 -19.48 -13.66 7.57
CA VAL A 93 -20.08 -12.33 7.45
C VAL A 93 -19.06 -11.24 7.76
N ARG A 94 -18.17 -11.51 8.70
CA ARG A 94 -17.10 -10.56 9.05
C ARG A 94 -16.19 -10.33 7.86
N VAL A 95 -15.74 -11.41 7.22
CA VAL A 95 -14.91 -11.31 6.04
C VAL A 95 -15.62 -10.53 4.95
N LEU A 96 -16.89 -10.88 4.72
CA LEU A 96 -17.72 -10.22 3.73
C LEU A 96 -17.84 -8.73 4.02
N HIS A 97 -18.10 -8.40 5.28
CA HIS A 97 -18.27 -7.00 5.70
C HIS A 97 -16.97 -6.22 5.61
N ASN A 98 -15.89 -6.81 6.13
CA ASN A 98 -14.57 -6.18 6.10
C ASN A 98 -14.06 -5.98 4.68
N SER A 99 -14.36 -6.93 3.81
CA SER A 99 -13.94 -6.85 2.42
C SER A 99 -14.62 -5.69 1.71
N SER A 100 -15.90 -5.50 1.99
CA SER A 100 -16.66 -4.41 1.38
C SER A 100 -16.18 -3.06 1.90
N LEU A 101 -15.68 -3.05 3.14
CA LEU A 101 -15.09 -1.86 3.73
C LEU A 101 -13.78 -1.51 3.04
N LEU A 102 -13.01 -2.54 2.70
CA LEU A 102 -11.77 -2.36 1.95
C LEU A 102 -12.06 -1.66 0.62
N LEU A 103 -13.10 -2.11 -0.06
CA LEU A 103 -13.48 -1.53 -1.34
C LEU A 103 -14.09 -0.14 -1.16
N ASP A 104 -14.96 -0.01 -0.17
CA ASP A 104 -15.69 1.23 0.07
C ASP A 104 -14.77 2.41 0.36
N ASP A 105 -13.81 2.21 1.26
CA ASP A 105 -12.86 3.26 1.60
C ASP A 105 -12.09 3.71 0.37
N PHE A 106 -11.70 2.76 -0.47
CA PHE A 106 -11.02 3.08 -1.72
C PHE A 106 -11.97 3.78 -2.69
N GLN A 107 -13.17 3.23 -2.84
CA GLN A 107 -14.17 3.78 -3.75
C GLN A 107 -14.64 5.17 -3.35
N ASP A 108 -14.64 5.44 -2.04
CA ASP A 108 -15.08 6.74 -1.53
C ASP A 108 -13.90 7.67 -1.26
N ASN A 109 -12.69 7.18 -1.52
CA ASN A 109 -11.47 7.96 -1.34
C ASN A 109 -11.35 8.48 0.09
N SER A 110 -11.66 7.62 1.05
CA SER A 110 -11.60 8.01 2.46
C SER A 110 -10.20 7.80 3.02
N PRO A 111 -9.59 8.89 3.53
CA PRO A 111 -8.23 8.82 4.09
C PRO A 111 -8.19 8.13 5.45
N LEU A 112 -9.32 8.14 6.17
CA LEU A 112 -9.35 7.63 7.54
C LEU A 112 -10.46 6.63 7.79
N ARG A 113 -10.12 5.58 8.54
CA ARG A 113 -11.12 4.68 9.09
C ARG A 113 -10.80 4.41 10.55
N ARG A 114 -11.75 4.74 11.42
CA ARG A 114 -11.57 4.59 12.87
C ARG A 114 -10.32 5.32 13.36
N GLY A 115 -10.10 6.53 12.85
CA GLY A 115 -9.02 7.37 13.32
C GLY A 115 -7.66 6.99 12.80
N LYS A 116 -7.59 5.83 12.14
CA LYS A 116 -6.35 5.33 11.57
C LYS A 116 -6.39 5.43 10.05
N PRO A 117 -5.23 5.39 9.39
CA PRO A 117 -5.19 5.42 7.93
C PRO A 117 -5.99 4.28 7.30
N SER A 118 -6.76 4.59 6.26
CA SER A 118 -7.47 3.56 5.52
C SER A 118 -6.47 2.62 4.86
N THR A 119 -6.91 1.40 4.57
CA THR A 119 -6.01 0.34 4.12
C THR A 119 -5.24 0.68 2.84
N HIS A 120 -5.90 1.37 1.91
CA HIS A 120 -5.25 1.71 0.65
C HIS A 120 -4.23 2.84 0.84
N ASN A 121 -4.14 3.37 2.04
CA ASN A 121 -3.12 4.34 2.37
C ASN A 121 -1.98 3.68 3.13
N ILE A 122 -2.07 2.36 3.26
CA ILE A 122 -0.98 1.57 3.83
C ILE A 122 -0.34 0.71 2.75
N PHE A 123 -1.18 -0.01 2.01
CA PHE A 123 -0.70 -0.97 1.01
C PHE A 123 -0.83 -0.44 -0.42
N GLY A 124 -1.62 0.62 -0.60
CA GLY A 124 -1.92 1.12 -1.93
C GLY A 124 -3.22 0.54 -2.45
N SER A 125 -3.87 1.24 -3.38
CA SER A 125 -5.17 0.83 -3.87
C SER A 125 -5.15 -0.52 -4.58
N ALA A 126 -4.06 -0.78 -5.30
CA ALA A 126 -3.93 -2.01 -6.11
C ALA A 126 -3.98 -3.28 -5.26
N GLN A 127 -3.12 -3.36 -4.25
CA GLN A 127 -3.08 -4.53 -3.38
C GLN A 127 -4.35 -4.68 -2.55
N THR A 128 -4.85 -3.54 -2.07
CA THR A 128 -6.07 -3.52 -1.26
C THR A 128 -7.25 -4.10 -2.01
N VAL A 129 -7.45 -3.65 -3.24
CA VAL A 129 -8.54 -4.13 -4.08
C VAL A 129 -8.39 -5.61 -4.41
N ASN A 130 -7.15 -6.02 -4.71
CA ASN A 130 -6.88 -7.42 -5.02
C ASN A 130 -7.19 -8.33 -3.84
N THR A 131 -6.78 -7.93 -2.65
CA THR A 131 -7.07 -8.66 -1.43
C THR A 131 -8.56 -8.71 -1.15
N ALA A 132 -9.21 -7.56 -1.30
CA ALA A 132 -10.63 -7.43 -1.02
C ALA A 132 -11.47 -8.35 -1.88
N THR A 133 -11.24 -8.31 -3.19
CA THR A 133 -11.96 -9.16 -4.14
C THR A 133 -11.73 -10.64 -3.81
N TYR A 134 -10.48 -11.00 -3.53
CA TYR A 134 -10.15 -12.36 -3.12
C TYR A 134 -10.89 -12.77 -1.86
N SER A 135 -10.90 -11.88 -0.87
CA SER A 135 -11.52 -12.16 0.42
C SER A 135 -13.02 -12.42 0.28
N ILE A 136 -13.66 -11.70 -0.64
CA ILE A 136 -15.09 -11.89 -0.90
C ILE A 136 -15.35 -13.30 -1.41
N ILE A 137 -14.52 -13.74 -2.36
CA ILE A 137 -14.63 -15.09 -2.91
C ILE A 137 -14.36 -16.13 -1.82
N LYS A 138 -13.37 -15.84 -0.97
CA LYS A 138 -13.05 -16.71 0.16
C LYS A 138 -14.24 -16.82 1.11
N ALA A 139 -14.93 -15.70 1.31
CA ALA A 139 -16.10 -15.66 2.18
C ALA A 139 -17.24 -16.49 1.60
N ILE A 140 -17.42 -16.40 0.29
CA ILE A 140 -18.45 -17.16 -0.40
C ILE A 140 -18.18 -18.66 -0.28
N GLY A 141 -16.91 -19.04 -0.39
CA GLY A 141 -16.53 -20.43 -0.27
C GLY A 141 -16.82 -20.98 1.12
N GLN A 142 -16.55 -20.17 2.14
CA GLN A 142 -16.85 -20.56 3.52
C GLN A 142 -18.34 -20.76 3.72
N ILE A 143 -19.14 -19.87 3.17
CA ILE A 143 -20.59 -19.97 3.26
C ILE A 143 -21.08 -21.24 2.56
N MET A 144 -20.43 -21.58 1.46
CA MET A 144 -20.75 -22.81 0.73
C MET A 144 -20.48 -24.06 1.56
N GLU A 145 -19.48 -23.98 2.42
CA GLU A 145 -18.97 -25.16 3.10
C GLU A 145 -19.87 -25.67 4.23
N PHE A 146 -20.71 -24.79 4.77
CA PHE A 146 -21.62 -25.20 5.83
C PHE A 146 -23.08 -25.06 5.42
N SER A 147 -23.32 -24.61 4.19
CA SER A 147 -24.67 -24.40 3.70
C SER A 147 -24.92 -25.11 2.37
N ALA A 148 -26.13 -25.65 2.21
CA ALA A 148 -26.53 -26.24 0.95
C ALA A 148 -26.77 -25.14 -0.08
N GLY A 149 -27.06 -25.53 -1.32
CA GLY A 149 -27.36 -24.58 -2.37
C GLY A 149 -28.68 -24.88 -3.03
N GLU A 150 -29.74 -24.14 -2.66
CA GLU A 150 -29.66 -23.01 -1.75
C GLU A 150 -29.57 -23.44 -0.28
N VAL A 152 -24.49 -19.22 -1.72
CA VAL A 152 -25.14 -20.12 -2.67
C VAL A 152 -26.24 -19.40 -3.43
N GLN A 153 -27.02 -20.17 -4.20
CA GLN A 153 -27.96 -19.61 -5.18
C GLN A 153 -28.97 -18.60 -4.61
N GLU A 154 -28.99 -18.45 -3.28
CA GLU A 154 -29.74 -17.37 -2.66
C GLU A 154 -28.78 -16.31 -2.13
N VAL A 155 -27.65 -16.77 -1.58
CA VAL A 155 -26.67 -15.86 -1.02
C VAL A 155 -25.87 -15.19 -2.13
N MET A 156 -25.62 -15.92 -3.22
CA MET A 156 -24.97 -15.36 -4.40
C MET A 156 -25.80 -14.20 -4.96
N ASN A 157 -27.11 -14.43 -5.05
CA ASN A 157 -28.05 -13.42 -5.53
C ASN A 157 -28.03 -12.17 -4.66
N SER A 158 -28.05 -12.36 -3.34
CA SER A 158 -28.08 -11.23 -2.41
C SER A 158 -26.75 -10.50 -2.35
N ILE A 159 -25.65 -11.24 -2.50
CA ILE A 159 -24.32 -10.62 -2.55
C ILE A 159 -24.21 -9.73 -3.79
N MET A 160 -24.78 -10.18 -4.89
CA MET A 160 -24.76 -9.42 -6.13
C MET A 160 -25.65 -8.17 -6.04
N ILE A 161 -26.69 -8.25 -5.20
CA ILE A 161 -27.57 -7.10 -4.98
C ILE A 161 -26.80 -5.98 -4.28
N LEU A 162 -25.89 -6.37 -3.38
CA LEU A 162 -25.03 -5.41 -2.70
C LEU A 162 -24.25 -4.56 -3.70
N PHE A 163 -23.82 -5.18 -4.79
CA PHE A 163 -23.05 -4.49 -5.82
C PHE A 163 -23.95 -3.61 -6.69
N GLN A 164 -25.18 -4.05 -6.90
CA GLN A 164 -26.18 -3.25 -7.61
C GLN A 164 -26.46 -1.97 -6.83
N GLY A 165 -26.43 -2.08 -5.51
CA GLY A 165 -26.63 -0.94 -4.64
C GLY A 165 -25.43 0.00 -4.68
N GLN A 166 -24.24 -0.56 -4.57
CA GLN A 166 -23.02 0.24 -4.66
C GLN A 166 -22.91 0.91 -6.01
N ALA A 167 -23.28 0.20 -7.06
CA ALA A 167 -23.23 0.72 -8.43
C ALA A 167 -23.96 2.04 -8.56
N MET A 168 -25.17 2.12 -8.01
CA MET A 168 -25.97 3.33 -8.09
C MET A 168 -25.36 4.46 -7.26
N ASP A 169 -24.91 4.12 -6.06
CA ASP A 169 -24.29 5.09 -5.17
C ASP A 169 -23.05 5.72 -5.80
N LEU A 170 -22.22 4.88 -6.42
CA LEU A 170 -20.99 5.35 -7.06
C LEU A 170 -21.31 6.10 -8.36
N PHE A 171 -22.36 5.67 -9.05
CA PHE A 171 -22.79 6.29 -10.31
C PHE A 171 -23.27 7.72 -10.10
N TRP A 172 -24.09 7.92 -9.08
CA TRP A 172 -24.65 9.23 -8.78
C TRP A 172 -23.55 10.21 -8.33
N THR A 173 -22.64 9.71 -7.49
CA THR A 173 -21.54 10.52 -7.00
C THR A 173 -20.61 10.95 -8.13
N TYR A 174 -20.27 9.99 -8.98
CA TYR A 174 -19.29 10.23 -10.05
C TYR A 174 -19.83 11.17 -11.14
N ASN A 175 -21.09 11.00 -11.50
CA ASN A 175 -21.67 11.79 -12.58
C ASN A 175 -22.52 12.96 -12.07
N GLY A 176 -22.52 13.16 -10.76
CA GLY A 176 -23.20 14.29 -10.15
C GLY A 176 -24.71 14.34 -10.39
N HIS A 177 -25.35 13.18 -10.33
CA HIS A 177 -26.80 13.13 -10.47
C HIS A 177 -27.47 12.96 -9.11
N VAL A 178 -28.31 13.91 -8.75
CA VAL A 178 -29.05 13.84 -7.49
C VAL A 178 -30.25 12.92 -7.62
N PRO A 179 -30.25 11.81 -6.87
CA PRO A 179 -31.36 10.85 -6.93
C PRO A 179 -32.58 11.36 -6.18
N SER A 180 -33.75 10.80 -6.46
CA SER A 180 -34.93 11.10 -5.68
C SER A 180 -34.83 10.39 -4.34
N GLU A 181 -35.70 10.74 -3.39
CA GLU A 181 -35.64 10.15 -2.06
C GLU A 181 -35.94 8.65 -2.09
N GLU A 182 -36.79 8.23 -3.01
CA GLU A 182 -37.15 6.81 -3.11
C GLU A 182 -36.02 5.99 -3.73
N GLU A 183 -35.36 6.56 -4.75
CA GLU A 183 -34.18 5.92 -5.34
C GLU A 183 -33.11 5.74 -4.28
N TYR A 184 -32.97 6.75 -3.43
CA TYR A 184 -32.02 6.74 -2.32
C TYR A 184 -32.31 5.60 -1.36
N TYR A 185 -33.59 5.38 -1.07
CA TYR A 185 -34.01 4.30 -0.17
C TYR A 185 -33.80 2.93 -0.81
N ARG A 186 -34.15 2.81 -2.08
CA ARG A 186 -33.96 1.56 -2.81
C ARG A 186 -32.48 1.20 -2.87
N MET A 187 -31.64 2.21 -3.09
CA MET A 187 -30.19 2.04 -3.12
C MET A 187 -29.67 1.54 -1.78
N ILE A 188 -30.24 2.07 -0.70
CA ILE A 188 -29.85 1.70 0.66
C ILE A 188 -30.28 0.28 0.99
N ASP A 189 -31.48 -0.09 0.55
CA ASP A 189 -31.98 -1.45 0.74
C ASP A 189 -31.05 -2.47 0.10
N GLN A 190 -30.42 -2.08 -1.00
CA GLN A 190 -29.56 -2.98 -1.76
C GLN A 190 -28.14 -3.06 -1.21
N LYS A 191 -27.58 -1.93 -0.80
CA LYS A 191 -26.16 -1.90 -0.44
C LYS A 191 -25.89 -2.13 1.05
N THR A 192 -26.87 -1.84 1.89
CA THR A 192 -26.68 -2.01 3.34
C THR A 192 -27.78 -2.85 3.98
N GLY A 193 -29.01 -2.70 3.50
CA GLY A 193 -30.12 -3.48 4.00
C GLY A 193 -29.97 -4.95 3.65
N GLN A 194 -29.41 -5.21 2.47
CA GLN A 194 -29.21 -6.58 2.00
C GLN A 194 -28.15 -7.28 2.82
N LEU A 195 -27.27 -6.50 3.43
CA LEU A 195 -26.19 -7.04 4.25
C LEU A 195 -26.75 -7.66 5.54
N PHE A 196 -27.74 -6.99 6.12
CA PHE A 196 -28.45 -7.53 7.28
C PHE A 196 -29.24 -8.77 6.88
N SER A 197 -29.79 -8.73 5.67
CA SER A 197 -30.61 -9.82 5.16
C SER A 197 -29.80 -11.11 4.99
N ILE A 198 -28.54 -10.96 4.57
CA ILE A 198 -27.68 -12.10 4.34
C ILE A 198 -27.41 -12.87 5.63
N ALA A 199 -27.03 -12.14 6.68
CA ALA A 199 -26.79 -12.75 7.98
C ALA A 199 -28.05 -13.40 8.51
N THR A 200 -29.19 -12.80 8.21
CA THR A 200 -30.48 -13.32 8.65
C THR A 200 -30.82 -14.62 7.93
N SER A 201 -30.62 -14.64 6.61
CA SER A 201 -30.91 -15.83 5.81
C SER A 201 -30.06 -17.01 6.24
N LEU A 202 -28.80 -16.75 6.58
CA LEU A 202 -27.88 -17.79 7.01
C LEU A 202 -28.34 -18.43 8.33
N LEU A 203 -28.64 -17.59 9.32
CA LEU A 203 -29.12 -18.08 10.61
C LEU A 203 -30.47 -18.77 10.47
N LEU A 204 -31.31 -18.25 9.58
CA LEU A 204 -32.63 -18.82 9.36
C LEU A 204 -32.55 -20.23 8.82
N ASN A 205 -31.54 -20.49 7.99
CA ASN A 205 -31.38 -21.79 7.35
C ASN A 205 -30.68 -22.80 8.25
N ALA A 206 -30.46 -22.43 9.51
CA ALA A 206 -29.83 -23.33 10.47
C ALA A 206 -30.66 -23.46 11.74
N ALA A 207 -31.97 -23.32 11.60
CA ALA A 207 -32.89 -23.41 12.73
C ALA A 207 -33.96 -24.47 12.49
N ARG A 213 -42.26 -20.83 13.49
CA ARG A 213 -41.50 -20.44 12.31
C ARG A 213 -42.43 -20.12 11.12
N THR A 214 -41.93 -20.34 9.91
CA THR A 214 -42.71 -20.18 8.68
C THR A 214 -43.19 -18.75 8.46
N LYS A 215 -44.11 -18.29 9.30
CA LYS A 215 -44.64 -16.94 9.20
C LYS A 215 -43.68 -15.93 9.80
N ILE A 216 -42.91 -16.38 10.79
CA ILE A 216 -41.90 -15.54 11.43
C ILE A 216 -40.95 -14.95 10.39
N GLN A 217 -40.62 -15.76 9.37
CA GLN A 217 -39.73 -15.36 8.28
C GLN A 217 -40.10 -14.02 7.65
N SER A 218 -41.34 -13.89 7.19
CA SER A 218 -41.78 -12.67 6.49
C SER A 218 -41.93 -11.48 7.46
N CYS A 219 -41.47 -11.67 8.69
CA CYS A 219 -41.45 -10.59 9.67
C CYS A 219 -40.01 -10.11 9.86
N LEU A 220 -39.06 -11.05 9.76
CA LEU A 220 -37.64 -10.72 9.78
C LEU A 220 -37.25 -9.92 8.54
N HIS A 221 -37.96 -10.15 7.44
CA HIS A 221 -37.74 -9.41 6.21
C HIS A 221 -37.99 -7.93 6.42
N ARG A 222 -39.11 -7.63 7.08
CA ARG A 222 -39.45 -6.26 7.42
C ARG A 222 -38.48 -5.67 8.43
N LEU A 223 -37.91 -6.53 9.26
CA LEU A 223 -36.96 -6.10 10.28
C LEU A 223 -35.64 -5.63 9.65
N THR A 224 -35.03 -6.50 8.85
CA THR A 224 -33.73 -6.22 8.26
C THR A 224 -33.78 -5.04 7.30
N ARG A 225 -34.87 -4.92 6.57
CA ARG A 225 -35.05 -3.82 5.63
C ARG A 225 -35.13 -2.47 6.36
N LEU A 226 -35.97 -2.42 7.40
CA LEU A 226 -36.07 -1.22 8.23
C LEU A 226 -34.76 -0.91 8.92
N LEU A 227 -34.08 -1.95 9.40
CA LEU A 227 -32.81 -1.80 10.08
C LEU A 227 -31.73 -1.24 9.15
N GLY A 228 -31.75 -1.70 7.90
CA GLY A 228 -30.80 -1.22 6.91
C GLY A 228 -30.93 0.27 6.68
N ARG A 229 -32.17 0.74 6.64
CA ARG A 229 -32.44 2.16 6.42
C ARG A 229 -32.02 2.98 7.62
N CYS A 230 -32.27 2.46 8.82
CA CYS A 230 -31.86 3.11 10.06
C CYS A 230 -30.35 3.32 10.11
N PHE A 231 -29.61 2.28 9.79
CA PHE A 231 -28.15 2.31 9.86
C PHE A 231 -27.56 3.37 8.93
N GLN A 232 -27.92 3.29 7.65
CA GLN A 232 -27.32 4.16 6.65
C GLN A 232 -27.74 5.62 6.80
N ILE A 233 -29.02 5.86 7.09
CA ILE A 233 -29.52 7.21 7.26
C ILE A 233 -28.87 7.87 8.48
N ARG A 234 -28.66 7.08 9.53
CA ARG A 234 -27.93 7.55 10.70
C ARG A 234 -26.46 7.78 10.35
N ASP A 235 -25.89 6.84 9.60
CA ASP A 235 -24.48 6.90 9.22
C ASP A 235 -24.18 8.14 8.40
N ASP A 236 -25.11 8.50 7.50
CA ASP A 236 -24.98 9.69 6.70
C ASP A 236 -25.23 10.95 7.53
N TYR A 237 -26.14 10.83 8.49
CA TYR A 237 -26.44 11.94 9.39
C TYR A 237 -25.26 12.24 10.30
N GLN A 238 -24.78 11.20 10.97
CA GLN A 238 -23.69 11.34 11.94
C GLN A 238 -22.39 11.81 11.30
N ASN A 239 -22.24 11.57 10.01
CA ASN A 239 -21.04 11.96 9.29
C ASN A 239 -20.85 13.47 9.27
N LEU A 240 -21.96 14.20 9.27
CA LEU A 240 -21.93 15.65 9.20
C LEU A 240 -22.10 16.31 10.57
N VAL A 241 -22.59 15.54 11.54
CA VAL A 241 -22.97 16.09 12.83
C VAL A 241 -22.03 15.68 13.98
N SER A 242 -21.83 14.38 14.14
CA SER A 242 -21.08 13.86 15.30
C SER A 242 -19.59 14.17 15.25
N ALA A 243 -19.01 14.39 16.43
CA ALA A 243 -17.60 14.74 16.54
C ALA A 243 -16.73 13.48 16.71
N ASP A 244 -17.36 12.35 16.99
CA ASP A 244 -16.64 11.08 16.96
C ASP A 244 -16.35 10.75 15.50
N TYR A 245 -17.38 10.83 14.66
CA TYR A 245 -17.24 10.61 13.23
C TYR A 245 -16.22 11.57 12.62
N THR A 246 -16.10 12.75 13.21
CA THR A 246 -15.09 13.72 12.80
C THR A 246 -13.70 13.21 13.15
N LYS A 247 -13.60 12.50 14.27
CA LYS A 247 -12.32 11.94 14.70
C LYS A 247 -12.01 10.61 14.02
N GLN A 248 -13.03 9.84 13.70
CA GLN A 248 -12.83 8.51 13.11
C GLN A 248 -12.88 8.52 11.58
N LYS A 249 -12.98 9.70 10.97
CA LYS A 249 -13.13 9.78 9.52
C LYS A 249 -12.66 11.12 8.93
N GLY A 250 -12.62 12.14 9.78
CA GLY A 250 -12.31 13.48 9.32
C GLY A 250 -13.57 14.33 9.28
N PHE A 251 -13.39 15.65 9.28
CA PHE A 251 -14.52 16.57 9.32
C PHE A 251 -15.35 16.52 8.03
N CYS A 252 -16.60 16.08 8.16
CA CYS A 252 -17.53 15.97 7.03
C CYS A 252 -16.92 15.23 5.84
N GLU A 253 -16.51 13.98 6.07
CA GLU A 253 -15.86 13.18 5.05
C GLU A 253 -16.74 12.95 3.83
N ASP A 254 -18.06 12.87 4.05
CA ASP A 254 -19.00 12.66 2.96
C ASP A 254 -19.01 13.81 1.96
N LEU A 255 -18.69 15.01 2.42
CA LEU A 255 -18.67 16.18 1.56
C LEU A 255 -17.46 16.17 0.62
N ASP A 256 -16.41 15.46 1.03
CA ASP A 256 -15.26 15.22 0.17
C ASP A 256 -15.59 14.13 -0.84
N GLU A 257 -16.23 13.08 -0.35
CA GLU A 257 -16.67 11.98 -1.19
C GLU A 257 -17.66 12.47 -2.23
N GLY A 258 -18.60 13.32 -1.81
CA GLY A 258 -19.59 13.87 -2.71
C GLY A 258 -20.82 12.98 -2.81
N LYS A 259 -21.04 12.15 -1.80
CA LYS A 259 -22.21 11.28 -1.78
C LYS A 259 -23.47 12.10 -1.57
N TRP A 260 -24.60 11.54 -1.99
CA TRP A 260 -25.88 12.22 -1.86
C TRP A 260 -26.70 11.68 -0.69
N SER A 261 -26.53 12.31 0.46
CA SER A 261 -27.26 11.95 1.66
C SER A 261 -28.68 12.51 1.65
N LEU A 262 -29.52 12.05 2.58
CA LEU A 262 -30.93 12.43 2.61
C LEU A 262 -31.14 13.93 2.79
N ALA A 263 -30.27 14.56 3.57
CA ALA A 263 -30.36 15.99 3.83
C ALA A 263 -30.20 16.80 2.54
N LEU A 264 -29.15 16.49 1.80
CA LEU A 264 -28.89 17.17 0.53
C LEU A 264 -29.99 16.90 -0.48
N ILE A 265 -30.39 15.63 -0.59
CA ILE A 265 -31.45 15.22 -1.50
C ILE A 265 -32.74 15.98 -1.23
N HIS A 266 -33.09 16.11 0.05
CA HIS A 266 -34.33 16.74 0.44
C HIS A 266 -34.37 18.23 0.07
N MET A 267 -33.26 18.92 0.31
CA MET A 267 -33.22 20.36 0.07
C MET A 267 -32.91 20.72 -1.39
N ILE A 268 -32.29 19.80 -2.11
CA ILE A 268 -32.05 19.98 -3.54
C ILE A 268 -33.37 19.93 -4.29
N HIS A 269 -34.22 18.98 -3.91
CA HIS A 269 -35.54 18.88 -4.50
C HIS A 269 -36.52 19.83 -3.79
N LYS A 270 -36.04 20.54 -2.76
CA LYS A 270 -36.84 21.59 -2.15
C LYS A 270 -36.69 22.83 -3.00
N GLN A 271 -37.83 23.37 -3.41
CA GLN A 271 -37.96 24.27 -4.57
C GLN A 271 -37.18 25.60 -4.60
N ARG A 272 -36.57 26.00 -3.49
CA ARG A 272 -35.93 27.31 -3.45
C ARG A 272 -34.63 27.33 -4.27
N SER A 273 -34.03 28.52 -4.33
CA SER A 273 -32.90 28.81 -5.20
C SER A 273 -31.71 27.86 -5.07
N HIS A 274 -30.87 28.11 -4.07
CA HIS A 274 -29.64 27.33 -3.83
C HIS A 274 -28.61 27.42 -4.98
N MET A 275 -28.37 28.63 -5.47
CA MET A 275 -27.32 28.84 -6.46
C MET A 275 -25.96 28.58 -5.85
N ALA A 276 -25.77 29.07 -4.63
CA ALA A 276 -24.51 28.91 -3.92
C ALA A 276 -24.24 27.45 -3.62
N LEU A 277 -25.23 26.76 -3.06
CA LEU A 277 -25.11 25.36 -2.68
C LEU A 277 -24.75 24.47 -3.87
N LEU A 278 -25.44 24.68 -4.99
CA LEU A 278 -25.20 23.89 -6.19
C LEU A 278 -23.77 24.04 -6.69
N ASN A 279 -23.22 25.24 -6.53
CA ASN A 279 -21.91 25.57 -7.09
C ASN A 279 -20.73 25.09 -6.25
N VAL A 280 -20.88 25.08 -4.93
CA VAL A 280 -19.81 24.53 -4.08
C VAL A 280 -19.69 23.04 -4.29
N LEU A 281 -20.83 22.39 -4.49
CA LEU A 281 -20.86 20.95 -4.78
C LEU A 281 -20.06 20.66 -6.05
N SER A 282 -20.24 21.50 -7.06
CA SER A 282 -19.49 21.37 -8.31
C SER A 282 -18.02 21.69 -8.07
N THR A 283 -17.76 22.72 -7.28
CA THR A 283 -16.40 23.12 -6.93
C THR A 283 -15.69 21.97 -6.21
N GLY A 284 -16.41 21.29 -5.33
CA GLY A 284 -15.86 20.16 -4.59
C GLY A 284 -15.50 19.01 -5.51
N ARG A 285 -16.37 18.72 -6.47
CA ARG A 285 -16.14 17.64 -7.42
C ARG A 285 -14.93 17.94 -8.32
N LYS A 286 -14.73 19.22 -8.61
CA LYS A 286 -13.63 19.65 -9.48
C LYS A 286 -12.29 19.64 -8.77
N HIS A 287 -12.30 19.79 -7.45
CA HIS A 287 -11.07 19.85 -6.66
C HIS A 287 -10.79 18.52 -5.97
N GLY A 288 -11.75 17.60 -6.04
CA GLY A 288 -11.60 16.30 -5.41
C GLY A 288 -11.84 16.37 -3.91
N GLY A 289 -12.43 17.45 -3.45
CA GLY A 289 -12.70 17.65 -2.04
C GLY A 289 -13.03 19.08 -1.71
N MET A 290 -13.32 19.34 -0.43
CA MET A 290 -13.66 20.67 0.03
C MET A 290 -12.75 21.12 1.16
N THR A 291 -12.62 22.44 1.32
CA THR A 291 -11.90 23.01 2.46
C THR A 291 -12.80 22.94 3.70
N LEU A 292 -12.23 23.27 4.85
CA LEU A 292 -13.00 23.25 6.10
C LEU A 292 -14.12 24.27 6.05
N GLU A 293 -13.83 25.43 5.46
CA GLU A 293 -14.79 26.52 5.39
C GLU A 293 -15.91 26.22 4.40
N GLN A 294 -15.59 25.51 3.33
CA GLN A 294 -16.57 25.11 2.34
C GLN A 294 -17.57 24.12 2.94
N LYS A 295 -17.06 23.17 3.72
CA LYS A 295 -17.91 22.20 4.41
C LYS A 295 -18.81 22.90 5.43
N GLN A 296 -18.24 23.86 6.14
CA GLN A 296 -18.98 24.65 7.11
C GLN A 296 -20.05 25.47 6.42
N PHE A 297 -19.73 25.94 5.22
CA PHE A 297 -20.69 26.69 4.40
C PHE A 297 -21.87 25.81 4.01
N VAL A 298 -21.59 24.55 3.69
CA VAL A 298 -22.64 23.60 3.34
C VAL A 298 -23.52 23.30 4.55
N LEU A 299 -22.88 23.12 5.70
CA LEU A 299 -23.60 22.83 6.94
C LEU A 299 -24.53 23.97 7.33
N ASP A 300 -24.08 25.21 7.15
CA ASP A 300 -24.87 26.38 7.51
C ASP A 300 -26.12 26.48 6.64
N ILE A 301 -25.98 26.18 5.36
CA ILE A 301 -27.13 26.16 4.45
C ILE A 301 -28.10 25.06 4.84
N ILE A 302 -27.55 23.89 5.16
CA ILE A 302 -28.33 22.77 5.67
C ILE A 302 -29.07 23.18 6.95
N GLU A 303 -28.37 23.85 7.85
CA GLU A 303 -28.96 24.34 9.08
C GLU A 303 -30.08 25.34 8.82
N GLU A 304 -29.83 26.25 7.89
CA GLU A 304 -30.78 27.31 7.55
C GLU A 304 -32.06 26.73 6.95
N GLU A 305 -31.94 25.59 6.29
CA GLU A 305 -33.07 24.95 5.63
C GLU A 305 -33.72 23.88 6.51
N LYS A 306 -33.08 23.60 7.64
CA LYS A 306 -33.54 22.57 8.58
C LYS A 306 -33.74 21.21 7.92
N SER A 307 -32.90 20.90 6.93
CA SER A 307 -33.03 19.64 6.21
C SER A 307 -32.60 18.45 7.06
N LEU A 308 -31.80 18.71 8.09
CA LEU A 308 -31.39 17.66 9.02
C LEU A 308 -32.51 17.32 9.99
N ASP A 309 -33.41 18.29 10.20
CA ASP A 309 -34.61 18.06 10.99
C ASP A 309 -35.50 17.04 10.30
N TYR A 310 -35.52 17.09 8.97
CA TYR A 310 -36.30 16.12 8.18
C TYR A 310 -35.71 14.73 8.33
N THR A 311 -34.38 14.65 8.29
CA THR A 311 -33.68 13.39 8.46
C THR A 311 -33.96 12.80 9.85
N ARG A 312 -34.00 13.66 10.85
CA ARG A 312 -34.31 13.25 12.21
C ARG A 312 -35.74 12.72 12.30
N SER A 313 -36.64 13.31 11.51
CA SER A 313 -38.04 12.89 11.47
C SER A 313 -38.18 11.48 10.92
N VAL A 314 -37.46 11.22 9.81
CA VAL A 314 -37.49 9.92 9.17
C VAL A 314 -36.91 8.83 10.07
N MET A 315 -35.85 9.18 10.79
CA MET A 315 -35.20 8.23 11.69
C MET A 315 -36.10 7.86 12.88
N MET A 316 -36.79 8.85 13.43
CA MET A 316 -37.71 8.61 14.54
C MET A 316 -38.87 7.71 14.10
N ASP A 317 -39.39 7.96 12.91
CA ASP A 317 -40.47 7.16 12.37
C ASP A 317 -40.00 5.73 12.08
N LEU A 318 -38.77 5.61 11.62
CA LEU A 318 -38.15 4.30 11.39
C LEU A 318 -38.01 3.53 12.70
N HIS A 319 -37.64 4.23 13.76
CA HIS A 319 -37.53 3.61 15.09
C HIS A 319 -38.90 3.18 15.61
N VAL A 320 -39.94 3.91 15.25
CA VAL A 320 -41.30 3.57 15.64
C VAL A 320 -41.70 2.25 14.99
N GLN A 321 -41.47 2.14 13.68
CA GLN A 321 -41.80 0.94 12.94
C GLN A 321 -40.95 -0.25 13.40
N LEU A 322 -39.69 0.02 13.74
CA LEU A 322 -38.78 -1.03 14.17
C LEU A 322 -39.13 -1.54 15.57
N ARG A 323 -39.50 -0.63 16.46
CA ARG A 323 -39.99 -1.01 17.77
C ARG A 323 -41.21 -1.92 17.64
N ALA A 324 -42.11 -1.55 16.75
CA ALA A 324 -43.33 -2.32 16.50
C ALA A 324 -43.01 -3.70 15.94
N GLU A 325 -42.08 -3.75 14.99
CA GLU A 325 -41.69 -5.02 14.37
C GLU A 325 -41.03 -5.95 15.36
N ILE A 326 -40.19 -5.38 16.23
CA ILE A 326 -39.49 -6.17 17.24
C ILE A 326 -40.47 -6.80 18.24
N GLY A 327 -41.37 -5.98 18.78
CA GLY A 327 -42.39 -6.45 19.70
C GLY A 327 -43.32 -7.46 19.05
N ARG A 328 -43.53 -7.29 17.75
CA ARG A 328 -44.36 -8.20 16.97
C ARG A 328 -43.74 -9.59 16.93
N ILE A 329 -42.41 -9.63 16.89
CA ILE A 329 -41.67 -10.88 16.84
C ILE A 329 -41.57 -11.51 18.24
N GLU A 330 -41.27 -10.68 19.24
CA GLU A 330 -41.17 -11.14 20.62
C GLU A 330 -42.45 -11.80 21.09
N ILE A 331 -43.58 -11.23 20.68
CA ILE A 331 -44.89 -11.80 20.97
C ILE A 331 -45.08 -13.10 20.18
N LEU A 332 -44.82 -13.03 18.88
CA LEU A 332 -44.99 -14.18 17.99
C LEU A 332 -44.05 -15.32 18.38
N LEU A 333 -42.94 -14.96 19.01
CA LEU A 333 -41.96 -15.94 19.50
C LEU A 333 -42.09 -16.19 20.99
N ASP A 334 -41.13 -16.93 21.54
CA ASP A 334 -41.16 -17.36 22.94
C ASP A 334 -41.09 -16.19 23.94
N SER A 335 -40.05 -15.38 23.83
CA SER A 335 -39.70 -14.40 24.87
C SER A 335 -39.04 -13.14 24.28
N PRO A 336 -38.99 -12.04 25.04
CA PRO A 336 -38.45 -10.79 24.48
C PRO A 336 -36.97 -10.81 24.11
N ASN A 337 -36.49 -9.68 23.60
CA ASN A 337 -35.13 -9.55 23.09
C ASN A 337 -34.54 -8.16 23.38
N PRO A 338 -33.97 -7.99 24.58
CA PRO A 338 -33.35 -6.70 24.97
C PRO A 338 -32.10 -6.39 24.14
N ALA A 339 -31.50 -7.40 23.53
CA ALA A 339 -30.31 -7.21 22.72
C ALA A 339 -30.62 -6.46 21.43
N MET A 340 -31.74 -6.80 20.81
CA MET A 340 -32.18 -6.15 19.58
C MET A 340 -32.65 -4.72 19.85
N ARG A 341 -33.31 -4.54 20.99
CA ARG A 341 -33.81 -3.22 21.38
C ARG A 341 -32.66 -2.29 21.75
N LEU A 342 -31.61 -2.88 22.30
CA LEU A 342 -30.38 -2.14 22.58
C LEU A 342 -29.77 -1.62 21.30
N LEU A 343 -29.62 -2.51 20.32
CA LEU A 343 -29.01 -2.19 19.03
C LEU A 343 -29.79 -1.07 18.34
N LEU A 344 -31.12 -1.15 18.42
CA LEU A 344 -31.98 -0.12 17.86
C LEU A 344 -31.73 1.21 18.56
N GLU A 345 -31.53 1.14 19.87
CA GLU A 345 -31.34 2.33 20.68
C GLU A 345 -29.96 2.94 20.44
N LEU A 346 -29.00 2.10 20.05
CA LEU A 346 -27.67 2.58 19.70
C LEU A 346 -27.69 3.36 18.37
N LEU A 347 -28.82 3.31 17.68
CA LEU A 347 -28.91 3.88 16.33
C LEU A 347 -29.67 5.19 16.24
N ARG A 348 -30.11 5.73 17.38
CA ARG A 348 -30.74 7.06 17.36
C ARG A 348 -29.73 8.14 17.69
N VAL A 349 -30.19 9.40 17.64
CA VAL A 349 -29.32 10.57 17.67
C VAL A 349 -28.34 10.51 16.50
N HIS B 44 -37.84 0.70 -15.83
CA HIS B 44 -36.52 1.25 -15.62
C HIS B 44 -35.77 0.48 -14.53
N ILE B 45 -36.26 -0.70 -14.22
CA ILE B 45 -35.53 -1.64 -13.37
C ILE B 45 -34.32 -2.11 -14.18
N PHE B 46 -34.46 -2.02 -15.50
CA PHE B 46 -33.43 -2.35 -16.47
C PHE B 46 -32.29 -1.33 -16.45
N PHE B 47 -32.60 -0.12 -16.02
CA PHE B 47 -31.62 0.97 -16.05
C PHE B 47 -30.48 0.79 -15.05
N GLU B 48 -30.81 0.36 -13.83
CA GLU B 48 -29.81 0.23 -12.79
C GLU B 48 -28.87 -0.94 -13.03
N LYS B 49 -29.32 -1.93 -13.79
CA LYS B 49 -28.45 -3.04 -14.18
C LYS B 49 -27.50 -2.58 -15.27
N ALA B 50 -27.99 -1.70 -16.14
CA ALA B 50 -27.18 -1.14 -17.22
C ALA B 50 -26.03 -0.31 -16.65
N VAL B 51 -26.33 0.45 -15.60
CA VAL B 51 -25.32 1.23 -14.89
C VAL B 51 -24.28 0.30 -14.28
N LEU B 52 -24.75 -0.76 -13.63
CA LEU B 52 -23.88 -1.73 -12.97
C LEU B 52 -22.97 -2.44 -13.96
N GLU B 53 -23.48 -2.76 -15.15
CA GLU B 53 -22.71 -3.55 -16.11
C GLU B 53 -22.08 -2.70 -17.22
N ALA B 54 -22.23 -1.39 -17.12
CA ALA B 54 -21.70 -0.49 -18.14
C ALA B 54 -20.17 -0.60 -18.32
N PRO B 55 -19.39 -0.63 -17.21
CA PRO B 55 -17.95 -0.78 -17.44
C PRO B 55 -17.56 -2.15 -18.01
N TYR B 56 -18.36 -3.18 -17.74
CA TYR B 56 -18.06 -4.50 -18.31
C TYR B 56 -18.36 -4.48 -19.81
N ASP B 57 -19.50 -3.89 -20.17
CA ASP B 57 -19.91 -3.83 -21.57
C ASP B 57 -18.90 -3.05 -22.41
N TYR B 58 -18.19 -2.13 -21.77
CA TYR B 58 -17.19 -1.33 -22.44
C TYR B 58 -15.98 -2.18 -22.86
N ILE B 59 -15.40 -2.89 -21.90
CA ILE B 59 -14.21 -3.69 -22.17
C ILE B 59 -14.55 -4.93 -23.01
N ALA B 60 -15.79 -5.39 -22.89
CA ALA B 60 -16.23 -6.57 -23.62
C ALA B 60 -16.50 -6.23 -25.09
N SER B 61 -16.71 -4.95 -25.36
CA SER B 61 -17.02 -4.49 -26.72
C SER B 61 -15.77 -4.34 -27.56
N MET B 62 -14.60 -4.48 -26.93
CA MET B 62 -13.34 -4.34 -27.63
C MET B 62 -12.89 -5.66 -28.28
N PRO B 63 -12.07 -5.57 -29.35
CA PRO B 63 -11.49 -6.75 -29.98
C PRO B 63 -10.60 -7.54 -29.02
N SER B 64 -11.03 -8.74 -28.66
CA SER B 64 -10.31 -9.55 -27.67
C SER B 64 -8.91 -9.93 -28.12
N LYS B 65 -8.86 -10.61 -29.27
CA LYS B 65 -7.72 -11.36 -29.84
C LYS B 65 -8.07 -12.84 -29.72
N GLY B 66 -8.99 -13.13 -28.80
CA GLY B 66 -9.59 -14.44 -28.69
C GLY B 66 -8.66 -15.60 -28.41
N VAL B 67 -7.51 -15.32 -27.81
CA VAL B 67 -6.60 -16.38 -27.39
C VAL B 67 -7.31 -17.36 -26.47
N ARG B 68 -8.08 -16.81 -25.54
CA ARG B 68 -8.89 -17.56 -24.60
C ARG B 68 -9.88 -18.49 -25.30
N ASP B 69 -10.58 -17.97 -26.31
CA ASP B 69 -11.57 -18.75 -27.04
C ASP B 69 -10.94 -19.78 -27.97
N GLN B 70 -9.81 -19.41 -28.58
CA GLN B 70 -9.09 -20.30 -29.47
C GLN B 70 -8.60 -21.54 -28.74
N PHE B 71 -8.23 -21.38 -27.48
CA PHE B 71 -7.74 -22.49 -26.67
C PHE B 71 -8.87 -23.47 -26.34
N ILE B 72 -10.01 -22.94 -25.95
CA ILE B 72 -11.17 -23.76 -25.63
C ILE B 72 -11.63 -24.55 -26.85
N ASP B 73 -11.63 -23.89 -28.01
CA ASP B 73 -11.96 -24.54 -29.27
C ASP B 73 -10.99 -25.67 -29.58
N ALA B 74 -9.70 -25.38 -29.41
CA ALA B 74 -8.66 -26.36 -29.70
C ALA B 74 -8.74 -27.56 -28.76
N LEU B 75 -8.94 -27.28 -27.47
CA LEU B 75 -9.06 -28.32 -26.47
C LEU B 75 -10.29 -29.20 -26.73
N ASN B 76 -11.34 -28.59 -27.25
CA ASN B 76 -12.60 -29.30 -27.49
C ASN B 76 -12.56 -30.14 -28.76
N ASP B 77 -11.53 -29.94 -29.58
CA ASP B 77 -11.32 -30.80 -30.74
C ASP B 77 -10.95 -32.19 -30.27
N TRP B 78 -10.44 -32.26 -29.04
CA TRP B 78 -10.14 -33.52 -28.38
C TRP B 78 -11.32 -34.02 -27.56
N LEU B 79 -11.84 -33.17 -26.67
CA LEU B 79 -12.86 -33.57 -25.71
C LEU B 79 -14.26 -33.63 -26.31
N ARG B 80 -14.48 -32.86 -27.38
CA ARG B 80 -15.73 -32.89 -28.15
C ARG B 80 -17.00 -32.79 -27.31
N VAL B 81 -17.08 -31.74 -26.49
CA VAL B 81 -18.27 -31.43 -25.72
C VAL B 81 -19.26 -30.68 -26.61
N PRO B 82 -20.56 -31.01 -26.50
CA PRO B 82 -21.63 -30.33 -27.25
C PRO B 82 -21.51 -28.81 -27.24
N ASP B 83 -21.99 -28.17 -28.32
CA ASP B 83 -21.83 -26.73 -28.52
C ASP B 83 -22.43 -25.89 -27.41
N VAL B 84 -23.59 -26.30 -26.89
CA VAL B 84 -24.29 -25.54 -25.87
C VAL B 84 -23.50 -25.50 -24.55
N LYS B 85 -22.99 -26.67 -24.15
CA LYS B 85 -22.21 -26.75 -22.92
C LYS B 85 -20.88 -26.01 -23.07
N VAL B 86 -20.30 -26.09 -24.27
CA VAL B 86 -19.07 -25.37 -24.58
C VAL B 86 -19.30 -23.85 -24.56
N GLY B 87 -20.44 -23.43 -25.10
CA GLY B 87 -20.81 -22.02 -25.12
C GLY B 87 -20.90 -21.43 -23.73
N LYS B 88 -21.56 -22.14 -22.83
CA LYS B 88 -21.69 -21.70 -21.44
C LYS B 88 -20.34 -21.53 -20.77
N ILE B 89 -19.43 -22.46 -21.04
CA ILE B 89 -18.09 -22.42 -20.48
C ILE B 89 -17.31 -21.25 -21.07
N LYS B 90 -17.46 -21.02 -22.37
CA LYS B 90 -16.84 -19.88 -23.03
C LYS B 90 -17.31 -18.57 -22.40
N ASP B 91 -18.63 -18.45 -22.22
CA ASP B 91 -19.21 -17.24 -21.66
C ASP B 91 -18.69 -16.96 -20.26
N ALA B 92 -18.67 -18.00 -19.43
CA ALA B 92 -18.20 -17.88 -18.06
C ALA B 92 -16.73 -17.46 -17.99
N VAL B 93 -15.88 -18.12 -18.76
CA VAL B 93 -14.46 -17.81 -18.77
C VAL B 93 -14.19 -16.42 -19.32
N ARG B 94 -14.98 -16.03 -20.33
CA ARG B 94 -14.86 -14.71 -20.93
C ARG B 94 -15.13 -13.62 -19.90
N VAL B 95 -16.12 -13.86 -19.03
CA VAL B 95 -16.47 -12.91 -18.00
C VAL B 95 -15.35 -12.81 -16.97
N LEU B 96 -14.81 -13.95 -16.56
CA LEU B 96 -13.67 -13.99 -15.64
C LEU B 96 -12.47 -13.23 -16.20
N HIS B 97 -12.13 -13.50 -17.46
CA HIS B 97 -10.97 -12.89 -18.08
C HIS B 97 -11.12 -11.38 -18.21
N ASN B 98 -12.26 -10.94 -18.72
CA ASN B 98 -12.53 -9.51 -18.87
C ASN B 98 -12.54 -8.78 -17.54
N SER B 99 -13.10 -9.43 -16.51
CA SER B 99 -13.13 -8.83 -15.18
C SER B 99 -11.73 -8.69 -14.61
N SER B 100 -10.87 -9.66 -14.92
CA SER B 100 -9.48 -9.61 -14.48
C SER B 100 -8.75 -8.45 -15.14
N LEU B 101 -9.12 -8.13 -16.37
CA LEU B 101 -8.51 -7.03 -17.11
C LEU B 101 -8.99 -5.69 -16.57
N LEU B 102 -10.26 -5.65 -16.17
CA LEU B 102 -10.81 -4.49 -15.48
C LEU B 102 -9.96 -4.15 -14.26
N LEU B 103 -9.69 -5.16 -13.44
CA LEU B 103 -8.92 -4.98 -12.22
C LEU B 103 -7.45 -4.68 -12.52
N ASP B 104 -6.87 -5.44 -13.43
CA ASP B 104 -5.44 -5.33 -13.73
C ASP B 104 -5.06 -3.98 -14.32
N ASP B 105 -5.87 -3.47 -15.24
CA ASP B 105 -5.59 -2.18 -15.87
C ASP B 105 -5.57 -1.07 -14.82
N PHE B 106 -6.50 -1.13 -13.88
CA PHE B 106 -6.54 -0.18 -12.78
C PHE B 106 -5.32 -0.36 -11.85
N GLN B 107 -5.02 -1.62 -11.55
CA GLN B 107 -3.93 -1.96 -10.65
C GLN B 107 -2.56 -1.58 -11.21
N ASP B 108 -2.41 -1.75 -12.52
CA ASP B 108 -1.16 -1.40 -13.20
C ASP B 108 -1.16 0.05 -13.65
N ASN B 109 -2.26 0.74 -13.38
CA ASN B 109 -2.43 2.12 -13.78
C ASN B 109 -2.17 2.32 -15.28
N SER B 110 -2.71 1.41 -16.08
CA SER B 110 -2.53 1.48 -17.53
C SER B 110 -3.53 2.45 -18.15
N PRO B 111 -3.03 3.42 -18.93
CA PRO B 111 -3.91 4.39 -19.60
C PRO B 111 -4.62 3.83 -20.82
N LEU B 112 -4.05 2.81 -21.44
CA LEU B 112 -4.58 2.29 -22.70
C LEU B 112 -4.85 0.79 -22.69
N ARG B 113 -5.93 0.40 -23.34
CA ARG B 113 -6.25 -1.00 -23.54
C ARG B 113 -6.80 -1.18 -24.96
N ARG B 114 -6.02 -1.88 -25.79
CA ARG B 114 -6.33 -2.07 -27.21
C ARG B 114 -6.52 -0.75 -27.95
N GLY B 115 -5.64 0.20 -27.67
CA GLY B 115 -5.61 1.47 -28.38
C GLY B 115 -6.60 2.49 -27.83
N LYS B 116 -7.56 2.01 -27.06
CA LYS B 116 -8.59 2.87 -26.48
C LYS B 116 -8.26 3.15 -25.02
N PRO B 117 -8.87 4.20 -24.45
CA PRO B 117 -8.67 4.46 -23.01
C PRO B 117 -9.11 3.27 -22.16
N SER B 118 -8.34 2.98 -21.12
CA SER B 118 -8.69 1.91 -20.18
C SER B 118 -10.01 2.25 -19.49
N THR B 119 -10.70 1.21 -19.01
CA THR B 119 -12.05 1.36 -18.50
C THR B 119 -12.17 2.35 -17.35
N HIS B 120 -11.19 2.38 -16.46
CA HIS B 120 -11.23 3.29 -15.32
C HIS B 120 -10.94 4.73 -15.75
N ASN B 121 -10.57 4.93 -17.01
CA ASN B 121 -10.42 6.27 -17.53
C ASN B 121 -11.69 6.68 -18.27
N ILE B 122 -12.73 5.87 -18.13
CA ILE B 122 -14.06 6.19 -18.61
C ILE B 122 -14.99 6.37 -17.43
N PHE B 123 -15.06 5.35 -16.57
CA PHE B 123 -16.02 5.33 -15.48
C PHE B 123 -15.40 5.64 -14.12
N GLY B 124 -14.09 5.81 -14.08
CA GLY B 124 -13.40 6.05 -12.83
C GLY B 124 -13.02 4.75 -12.15
N SER B 125 -12.14 4.82 -11.16
CA SER B 125 -11.66 3.64 -10.45
C SER B 125 -12.77 2.94 -9.66
N ALA B 126 -13.58 3.73 -8.97
CA ALA B 126 -14.62 3.19 -8.09
C ALA B 126 -15.62 2.29 -8.82
N GLN B 127 -16.24 2.83 -9.86
CA GLN B 127 -17.23 2.07 -10.62
C GLN B 127 -16.60 0.83 -11.25
N THR B 128 -15.47 1.02 -11.94
CA THR B 128 -14.78 -0.06 -12.62
C THR B 128 -14.49 -1.25 -11.69
N VAL B 129 -13.96 -0.97 -10.51
CA VAL B 129 -13.65 -2.02 -9.55
C VAL B 129 -14.91 -2.71 -9.05
N ASN B 130 -15.98 -1.94 -8.86
CA ASN B 130 -17.23 -2.47 -8.32
C ASN B 130 -17.88 -3.52 -9.22
N THR B 131 -17.99 -3.22 -10.51
CA THR B 131 -18.59 -4.17 -11.46
C THR B 131 -17.66 -5.34 -11.71
N ALA B 132 -16.36 -5.07 -11.65
CA ALA B 132 -15.35 -6.10 -11.85
C ALA B 132 -15.49 -7.20 -10.82
N THR B 133 -15.59 -6.79 -9.56
CA THR B 133 -15.81 -7.75 -8.48
C THR B 133 -17.17 -8.43 -8.63
N TYR B 134 -18.18 -7.65 -8.99
CA TYR B 134 -19.53 -8.18 -9.22
C TYR B 134 -19.53 -9.22 -10.34
N SER B 135 -18.88 -8.88 -11.45
CA SER B 135 -18.87 -9.76 -12.62
C SER B 135 -18.17 -11.08 -12.31
N ILE B 136 -17.16 -11.04 -11.45
CA ILE B 136 -16.49 -12.26 -11.02
C ILE B 136 -17.44 -13.15 -10.24
N ILE B 137 -18.21 -12.54 -9.33
CA ILE B 137 -19.25 -13.25 -8.60
C ILE B 137 -20.26 -13.85 -9.57
N LYS B 138 -20.70 -13.05 -10.54
CA LYS B 138 -21.69 -13.46 -11.52
C LYS B 138 -21.21 -14.65 -12.34
N ALA B 139 -19.96 -14.60 -12.79
CA ALA B 139 -19.35 -15.67 -13.56
C ALA B 139 -19.31 -16.96 -12.74
N ILE B 140 -18.94 -16.83 -11.47
CA ILE B 140 -18.92 -17.97 -10.55
C ILE B 140 -20.32 -18.56 -10.41
N GLY B 141 -21.33 -17.69 -10.35
CA GLY B 141 -22.70 -18.12 -10.30
C GLY B 141 -23.11 -18.83 -11.57
N GLN B 142 -22.64 -18.33 -12.71
CA GLN B 142 -22.90 -18.98 -13.98
C GLN B 142 -22.27 -20.37 -14.02
N ILE B 143 -21.04 -20.47 -13.53
CA ILE B 143 -20.34 -21.75 -13.50
C ILE B 143 -21.10 -22.78 -12.66
N MET B 144 -21.64 -22.34 -11.53
CA MET B 144 -22.38 -23.22 -10.63
C MET B 144 -23.63 -23.82 -11.28
N GLU B 145 -24.28 -23.05 -12.15
CA GLU B 145 -25.58 -23.42 -12.70
C GLU B 145 -25.55 -24.65 -13.62
N PHE B 146 -24.42 -24.90 -14.27
CA PHE B 146 -24.32 -26.03 -15.21
C PHE B 146 -23.34 -27.12 -14.80
N SER B 147 -22.74 -26.98 -13.62
CA SER B 147 -21.66 -27.90 -13.24
C SER B 147 -21.96 -28.69 -11.97
N ALA B 148 -21.78 -28.03 -10.82
CA ALA B 148 -21.87 -28.63 -9.50
C ALA B 148 -20.79 -29.69 -9.30
N GLY B 149 -19.86 -29.41 -8.39
CA GLY B 149 -18.75 -30.33 -8.15
C GLY B 149 -17.83 -29.99 -6.99
N GLU B 150 -16.54 -29.68 -7.22
CA GLU B 150 -15.82 -29.47 -8.49
C GLU B 150 -16.62 -28.85 -9.64
N GLU B 154 -12.11 -28.12 -9.68
CA GLU B 154 -11.28 -27.26 -8.84
C GLU B 154 -11.98 -25.94 -8.48
N VAL B 155 -12.37 -25.20 -9.51
CA VAL B 155 -12.97 -23.87 -9.36
C VAL B 155 -14.20 -23.91 -8.43
N MET B 156 -14.43 -22.86 -7.65
CA MET B 156 -13.72 -21.58 -7.73
C MET B 156 -12.25 -21.61 -7.28
N ASN B 157 -12.00 -22.24 -6.13
CA ASN B 157 -10.67 -22.43 -5.54
C ASN B 157 -9.44 -22.05 -6.38
N SER B 158 -9.42 -22.49 -7.63
CA SER B 158 -8.36 -22.12 -8.56
C SER B 158 -8.36 -20.62 -8.82
N ILE B 159 -9.55 -20.01 -8.74
CA ILE B 159 -9.69 -18.56 -8.89
C ILE B 159 -8.94 -17.81 -7.79
N MET B 160 -8.95 -18.38 -6.59
CA MET B 160 -8.26 -17.78 -5.45
C MET B 160 -6.75 -17.81 -5.65
N ILE B 161 -6.29 -18.70 -6.52
CA ILE B 161 -4.87 -18.80 -6.85
C ILE B 161 -4.47 -17.66 -7.78
N LEU B 162 -5.41 -17.24 -8.63
CA LEU B 162 -5.19 -16.08 -9.50
C LEU B 162 -4.81 -14.85 -8.68
N PHE B 163 -5.59 -14.59 -7.63
CA PHE B 163 -5.35 -13.44 -6.76
C PHE B 163 -4.05 -13.60 -5.98
N GLN B 164 -3.70 -14.84 -5.67
CA GLN B 164 -2.43 -15.14 -5.01
C GLN B 164 -1.27 -14.74 -5.92
N GLY B 165 -1.43 -15.00 -7.21
CA GLY B 165 -0.43 -14.62 -8.19
C GLY B 165 -0.34 -13.12 -8.35
N GLN B 166 -1.51 -12.48 -8.46
CA GLN B 166 -1.56 -11.02 -8.57
C GLN B 166 -0.99 -10.36 -7.34
N ALA B 167 -1.25 -10.94 -6.17
CA ALA B 167 -0.74 -10.42 -4.90
C ALA B 167 0.77 -10.24 -4.94
N MET B 168 1.47 -11.27 -5.40
CA MET B 168 2.92 -11.23 -5.49
C MET B 168 3.38 -10.24 -6.56
N ASP B 169 2.65 -10.21 -7.67
CA ASP B 169 2.95 -9.28 -8.76
C ASP B 169 2.84 -7.84 -8.28
N LEU B 170 1.76 -7.55 -7.56
CA LEU B 170 1.51 -6.21 -7.04
C LEU B 170 2.46 -5.87 -5.89
N PHE B 171 2.74 -6.86 -5.05
CA PHE B 171 3.60 -6.66 -3.88
C PHE B 171 5.02 -6.25 -4.26
N TRP B 172 5.62 -7.01 -5.17
CA TRP B 172 6.97 -6.75 -5.65
C TRP B 172 7.07 -5.37 -6.30
N THR B 173 6.06 -5.03 -7.11
CA THR B 173 6.05 -3.77 -7.83
C THR B 173 5.90 -2.59 -6.87
N TYR B 174 5.07 -2.76 -5.85
CA TYR B 174 4.78 -1.67 -4.91
C TYR B 174 5.94 -1.39 -3.97
N ASN B 175 6.61 -2.45 -3.52
CA ASN B 175 7.70 -2.32 -2.56
C ASN B 175 9.09 -2.40 -3.20
N GLY B 176 9.11 -2.56 -4.52
CA GLY B 176 10.36 -2.55 -5.27
C GLY B 176 11.29 -3.72 -5.02
N HIS B 177 10.71 -4.88 -4.74
CA HIS B 177 11.51 -6.08 -4.50
C HIS B 177 11.72 -6.86 -5.78
N VAL B 178 12.98 -7.12 -6.13
CA VAL B 178 13.31 -7.89 -7.32
C VAL B 178 13.20 -9.39 -7.01
N PRO B 179 12.28 -10.08 -7.70
CA PRO B 179 12.08 -11.51 -7.49
C PRO B 179 13.11 -12.34 -8.25
N SER B 180 13.27 -13.60 -7.86
CA SER B 180 14.14 -14.52 -8.59
C SER B 180 13.40 -15.03 -9.82
N GLU B 181 14.11 -15.76 -10.69
CA GLU B 181 13.48 -16.31 -11.86
C GLU B 181 12.44 -17.36 -11.48
N GLU B 182 12.71 -18.11 -10.41
CA GLU B 182 11.79 -19.13 -9.95
C GLU B 182 10.53 -18.52 -9.34
N GLU B 183 10.70 -17.47 -8.55
CA GLU B 183 9.56 -16.75 -7.99
C GLU B 183 8.71 -16.14 -9.11
N TYR B 184 9.40 -15.62 -10.11
CA TYR B 184 8.75 -15.03 -11.29
C TYR B 184 7.90 -16.06 -12.03
N TYR B 185 8.45 -17.25 -12.20
CA TYR B 185 7.74 -18.33 -12.87
C TYR B 185 6.54 -18.81 -12.06
N ARG B 186 6.75 -18.98 -10.76
CA ARG B 186 5.69 -19.44 -9.87
C ARG B 186 4.54 -18.45 -9.83
N MET B 187 4.87 -17.17 -9.75
CA MET B 187 3.88 -16.10 -9.78
C MET B 187 3.06 -16.16 -11.07
N ILE B 188 3.73 -16.48 -12.17
CA ILE B 188 3.08 -16.53 -13.48
C ILE B 188 2.15 -17.73 -13.58
N ASP B 189 2.57 -18.87 -13.03
CA ASP B 189 1.74 -20.07 -13.01
C ASP B 189 0.43 -19.81 -12.30
N GLN B 190 0.48 -18.91 -11.32
CA GLN B 190 -0.68 -18.60 -10.48
C GLN B 190 -1.57 -17.52 -11.10
N LYS B 191 -0.96 -16.45 -11.61
CA LYS B 191 -1.72 -15.31 -12.09
C LYS B 191 -2.18 -15.42 -13.55
N THR B 192 -1.56 -16.32 -14.31
CA THR B 192 -1.88 -16.44 -15.73
C THR B 192 -2.21 -17.87 -16.13
N GLY B 193 -1.35 -18.81 -15.76
CA GLY B 193 -1.51 -20.20 -16.13
C GLY B 193 -2.79 -20.81 -15.60
N GLN B 194 -3.31 -20.24 -14.53
CA GLN B 194 -4.49 -20.78 -13.87
C GLN B 194 -5.77 -20.56 -14.68
N LEU B 195 -5.81 -19.48 -15.47
CA LEU B 195 -6.95 -19.24 -16.35
C LEU B 195 -7.13 -20.42 -17.30
N PHE B 196 -6.03 -20.84 -17.91
CA PHE B 196 -6.02 -21.99 -18.79
C PHE B 196 -6.46 -23.26 -18.06
N SER B 197 -5.98 -23.41 -16.83
CA SER B 197 -6.32 -24.55 -15.99
C SER B 197 -7.82 -24.60 -15.69
N ILE B 198 -8.40 -23.43 -15.45
CA ILE B 198 -9.82 -23.29 -15.16
C ILE B 198 -10.68 -23.79 -16.32
N ALA B 199 -10.37 -23.31 -17.52
CA ALA B 199 -11.11 -23.68 -18.73
C ALA B 199 -11.00 -25.16 -19.03
N THR B 200 -9.83 -25.73 -18.77
CA THR B 200 -9.59 -27.14 -19.02
C THR B 200 -10.42 -28.01 -18.08
N SER B 201 -10.39 -27.70 -16.79
CA SER B 201 -11.15 -28.46 -15.80
C SER B 201 -12.64 -28.42 -16.09
N LEU B 202 -13.14 -27.25 -16.49
CA LEU B 202 -14.54 -27.10 -16.85
C LEU B 202 -14.92 -27.97 -18.04
N LEU B 203 -14.09 -27.92 -19.09
CA LEU B 203 -14.29 -28.75 -20.26
C LEU B 203 -14.11 -30.23 -19.95
N LEU B 204 -13.15 -30.52 -19.09
CA LEU B 204 -12.85 -31.90 -18.72
C LEU B 204 -14.00 -32.54 -17.95
N ASN B 205 -14.62 -31.77 -17.06
CA ASN B 205 -15.74 -32.25 -16.26
C ASN B 205 -17.01 -32.41 -17.09
N ALA B 206 -17.02 -31.79 -18.27
CA ALA B 206 -18.19 -31.83 -19.14
C ALA B 206 -18.00 -32.84 -20.28
N ALA B 207 -16.83 -33.45 -20.33
CA ALA B 207 -16.51 -34.42 -21.37
C ALA B 207 -17.32 -35.71 -21.21
N ASP B 208 -17.52 -36.42 -22.32
CA ASP B 208 -18.32 -37.63 -22.32
C ASP B 208 -17.58 -38.80 -21.67
N ASN B 209 -18.28 -39.90 -21.45
CA ASN B 209 -17.67 -41.12 -20.89
C ASN B 209 -16.81 -41.84 -21.91
N GLU B 210 -16.45 -41.16 -22.99
CA GLU B 210 -15.68 -41.77 -24.07
C GLU B 210 -14.20 -41.96 -23.73
N ILE B 211 -13.88 -41.97 -22.44
CA ILE B 211 -12.57 -42.40 -21.94
C ILE B 211 -11.47 -41.38 -22.30
N PRO B 212 -10.46 -41.20 -21.41
CA PRO B 212 -10.20 -41.76 -20.08
C PRO B 212 -10.37 -40.83 -18.87
N ARG B 213 -9.93 -39.58 -19.02
CA ARG B 213 -9.86 -38.60 -17.91
C ARG B 213 -8.77 -38.98 -16.91
N THR B 214 -8.04 -40.05 -17.17
CA THR B 214 -6.94 -40.47 -16.30
C THR B 214 -5.61 -40.36 -17.02
N LYS B 215 -5.60 -40.72 -18.30
CA LYS B 215 -4.41 -40.56 -19.14
C LYS B 215 -4.11 -39.08 -19.38
N ILE B 216 -5.14 -38.32 -19.71
CA ILE B 216 -4.98 -36.94 -20.17
C ILE B 216 -4.59 -35.96 -19.06
N GLN B 217 -5.19 -36.12 -17.89
CA GLN B 217 -5.06 -35.14 -16.81
C GLN B 217 -3.62 -34.76 -16.48
N SER B 218 -2.73 -35.74 -16.46
CA SER B 218 -1.32 -35.48 -16.21
C SER B 218 -0.73 -34.64 -17.34
N CYS B 219 -1.12 -34.98 -18.57
CA CYS B 219 -0.61 -34.27 -19.75
C CYS B 219 -1.22 -32.87 -19.88
N LEU B 220 -2.51 -32.76 -19.58
CA LEU B 220 -3.23 -31.50 -19.73
C LEU B 220 -2.74 -30.45 -18.73
N HIS B 221 -2.37 -30.89 -17.54
CA HIS B 221 -1.81 -29.99 -16.55
C HIS B 221 -0.46 -29.47 -17.01
N ARG B 222 0.32 -30.35 -17.64
CA ARG B 222 1.61 -29.97 -18.21
C ARG B 222 1.41 -28.97 -19.33
N LEU B 223 0.30 -29.11 -20.05
CA LEU B 223 0.00 -28.25 -21.20
C LEU B 223 -0.41 -26.84 -20.78
N THR B 224 -1.43 -26.77 -19.92
CA THR B 224 -1.96 -25.48 -19.48
C THR B 224 -0.92 -24.65 -18.74
N ARG B 225 -0.06 -25.33 -17.99
CA ARG B 225 1.00 -24.66 -17.24
C ARG B 225 2.06 -24.09 -18.17
N LEU B 226 2.45 -24.88 -19.18
CA LEU B 226 3.42 -24.42 -20.17
C LEU B 226 2.85 -23.27 -20.99
N LEU B 227 1.57 -23.38 -21.36
CA LEU B 227 0.88 -22.31 -22.09
C LEU B 227 0.83 -21.02 -21.29
N GLY B 228 0.58 -21.15 -19.99
CA GLY B 228 0.46 -20.00 -19.12
C GLY B 228 1.75 -19.22 -18.98
N ARG B 229 2.86 -19.95 -18.82
CA ARG B 229 4.17 -19.31 -18.72
C ARG B 229 4.52 -18.57 -19.99
N CYS B 230 4.42 -19.28 -21.12
CA CYS B 230 4.84 -18.73 -22.40
C CYS B 230 4.04 -17.49 -22.80
N PHE B 231 2.74 -17.53 -22.57
CA PHE B 231 1.88 -16.41 -22.96
C PHE B 231 2.19 -15.15 -22.16
N GLN B 232 2.52 -15.31 -20.88
CA GLN B 232 2.87 -14.17 -20.04
C GLN B 232 4.27 -13.66 -20.32
N ILE B 233 5.20 -14.60 -20.54
CA ILE B 233 6.57 -14.25 -20.90
C ILE B 233 6.60 -13.56 -22.25
N ARG B 234 5.80 -14.07 -23.19
CA ARG B 234 5.61 -13.41 -24.49
C ARG B 234 5.01 -12.02 -24.28
N ASP B 235 4.00 -11.93 -23.41
CA ASP B 235 3.31 -10.68 -23.14
C ASP B 235 4.27 -9.63 -22.59
N ASP B 236 5.10 -10.02 -21.63
CA ASP B 236 6.08 -9.11 -21.04
C ASP B 236 7.20 -8.79 -22.03
N TYR B 237 7.50 -9.75 -22.90
CA TYR B 237 8.48 -9.54 -23.96
C TYR B 237 7.94 -8.53 -24.96
N GLN B 238 6.79 -8.84 -25.54
CA GLN B 238 6.19 -8.01 -26.59
C GLN B 238 5.93 -6.58 -26.15
N ASN B 239 5.72 -6.37 -24.86
CA ASN B 239 5.43 -5.04 -24.32
C ASN B 239 6.56 -4.05 -24.58
N LEU B 240 7.78 -4.57 -24.74
CA LEU B 240 8.95 -3.72 -24.89
C LEU B 240 9.48 -3.65 -26.32
N VAL B 241 9.13 -4.62 -27.15
CA VAL B 241 9.72 -4.69 -28.49
C VAL B 241 8.68 -4.57 -29.62
N SER B 242 7.45 -5.01 -29.38
CA SER B 242 6.44 -5.01 -30.43
C SER B 242 5.85 -3.61 -30.64
N ALA B 243 5.80 -3.18 -31.91
CA ALA B 243 5.26 -1.87 -32.24
C ALA B 243 3.74 -1.86 -32.19
N ASP B 244 3.13 -3.04 -32.31
CA ASP B 244 1.68 -3.16 -32.22
C ASP B 244 1.26 -2.95 -30.77
N TYR B 245 2.07 -3.45 -29.84
CA TYR B 245 1.83 -3.25 -28.41
C TYR B 245 2.00 -1.79 -28.03
N THR B 246 2.90 -1.09 -28.72
CA THR B 246 3.05 0.35 -28.55
C THR B 246 1.76 1.06 -29.00
N LYS B 247 1.14 0.51 -30.04
CA LYS B 247 -0.10 1.07 -30.57
C LYS B 247 -1.30 0.78 -29.66
N GLN B 248 -1.24 -0.35 -28.94
CA GLN B 248 -2.36 -0.78 -28.12
C GLN B 248 -2.26 -0.31 -26.67
N LYS B 249 -1.03 -0.24 -26.15
CA LYS B 249 -0.82 0.08 -24.74
C LYS B 249 0.03 1.32 -24.49
N GLY B 250 0.66 1.83 -25.55
CA GLY B 250 1.59 2.93 -25.41
C GLY B 250 3.01 2.42 -25.44
N PHE B 251 3.97 3.32 -25.54
CA PHE B 251 5.37 2.94 -25.65
C PHE B 251 5.95 2.45 -24.33
N CYS B 252 6.31 1.17 -24.30
CA CYS B 252 6.91 0.53 -23.13
C CYS B 252 6.08 0.76 -21.86
N GLU B 253 4.84 0.29 -21.89
CA GLU B 253 3.91 0.52 -20.79
C GLU B 253 4.38 -0.14 -19.48
N ASP B 254 5.03 -1.28 -19.60
CA ASP B 254 5.51 -2.00 -18.43
C ASP B 254 6.60 -1.22 -17.67
N LEU B 255 7.27 -0.32 -18.37
CA LEU B 255 8.29 0.51 -17.75
C LEU B 255 7.64 1.64 -16.95
N ASP B 256 6.38 1.93 -17.27
CA ASP B 256 5.58 2.85 -16.47
C ASP B 256 5.04 2.13 -15.26
N GLU B 257 4.48 0.94 -15.49
CA GLU B 257 3.96 0.09 -14.43
C GLU B 257 5.07 -0.28 -13.44
N GLY B 258 6.25 -0.57 -13.97
CA GLY B 258 7.39 -0.90 -13.15
C GLY B 258 7.43 -2.38 -12.78
N LYS B 259 6.74 -3.19 -13.57
CA LYS B 259 6.69 -4.63 -13.32
C LYS B 259 8.06 -5.25 -13.58
N TRP B 260 8.25 -6.45 -13.05
CA TRP B 260 9.52 -7.15 -13.20
C TRP B 260 9.43 -8.25 -14.25
N SER B 261 9.84 -7.93 -15.48
CA SER B 261 9.86 -8.89 -16.56
C SER B 261 11.12 -9.75 -16.51
N LEU B 262 11.12 -10.84 -17.26
CA LEU B 262 12.22 -11.78 -17.24
C LEU B 262 13.54 -11.16 -17.69
N ALA B 263 13.47 -10.26 -18.65
CA ALA B 263 14.66 -9.59 -19.17
C ALA B 263 15.35 -8.78 -18.08
N LEU B 264 14.57 -7.99 -17.34
CA LEU B 264 15.10 -7.17 -16.26
C LEU B 264 15.64 -8.03 -15.12
N ILE B 265 14.85 -9.01 -14.71
CA ILE B 265 15.23 -9.94 -13.65
C ILE B 265 16.57 -10.63 -13.93
N HIS B 266 16.75 -11.07 -15.18
CA HIS B 266 17.94 -11.82 -15.56
C HIS B 266 19.22 -11.00 -15.44
N MET B 267 19.18 -9.75 -15.91
CA MET B 267 20.37 -8.92 -15.95
C MET B 267 20.66 -8.24 -14.62
N ILE B 268 19.66 -8.20 -13.74
CA ILE B 268 19.82 -7.60 -12.42
C ILE B 268 20.55 -8.56 -11.47
N HIS B 269 20.16 -9.82 -11.51
CA HIS B 269 20.79 -10.84 -10.67
C HIS B 269 22.14 -11.27 -11.25
N LYS B 270 22.68 -10.47 -12.16
CA LYS B 270 23.98 -10.75 -12.78
C LYS B 270 25.11 -10.22 -11.90
N GLN B 271 26.32 -10.74 -12.11
CA GLN B 271 27.47 -10.33 -11.32
C GLN B 271 28.01 -8.96 -11.72
N ARG B 272 27.72 -8.55 -12.96
CA ARG B 272 28.09 -7.21 -13.40
C ARG B 272 27.26 -6.19 -12.60
N SER B 273 27.82 -5.01 -12.38
CA SER B 273 27.10 -3.97 -11.64
C SER B 273 26.10 -3.26 -12.55
N HIS B 274 24.94 -2.92 -11.99
CA HIS B 274 23.91 -2.20 -12.74
C HIS B 274 23.28 -1.12 -11.88
N MET B 275 24.13 -0.23 -11.36
CA MET B 275 23.68 0.85 -10.48
C MET B 275 22.67 1.76 -11.17
N ALA B 276 22.99 2.15 -12.40
CA ALA B 276 22.11 3.04 -13.16
C ALA B 276 20.75 2.41 -13.40
N LEU B 277 20.75 1.21 -13.98
CA LEU B 277 19.52 0.47 -14.28
C LEU B 277 18.62 0.37 -13.07
N LEU B 278 19.20 -0.03 -11.94
CA LEU B 278 18.45 -0.18 -10.69
C LEU B 278 17.81 1.14 -10.25
N ASN B 279 18.57 2.22 -10.37
CA ASN B 279 18.12 3.51 -9.88
C ASN B 279 17.07 4.19 -10.75
N VAL B 280 17.11 3.93 -12.06
CA VAL B 280 16.07 4.47 -12.95
C VAL B 280 14.73 3.82 -12.62
N LEU B 281 14.76 2.51 -12.38
CA LEU B 281 13.55 1.77 -12.03
C LEU B 281 12.94 2.30 -10.74
N SER B 282 13.79 2.64 -9.79
CA SER B 282 13.35 3.22 -8.53
C SER B 282 12.81 4.63 -8.75
N THR B 283 13.45 5.36 -9.67
CA THR B 283 13.00 6.70 -10.04
C THR B 283 11.62 6.65 -10.68
N GLY B 284 11.40 5.62 -11.49
CA GLY B 284 10.12 5.43 -12.15
C GLY B 284 9.00 5.11 -11.19
N ARG B 285 9.32 4.38 -10.13
CA ARG B 285 8.33 4.04 -9.11
C ARG B 285 8.04 5.22 -8.20
N LYS B 286 9.06 6.03 -7.95
CA LYS B 286 8.88 7.25 -7.15
C LYS B 286 7.91 8.19 -7.86
N HIS B 287 8.09 8.34 -9.16
CA HIS B 287 7.18 9.14 -9.97
C HIS B 287 6.03 8.25 -10.45
N GLY B 288 5.21 8.78 -11.35
CA GLY B 288 4.09 8.01 -11.89
C GLY B 288 4.53 7.02 -12.94
N GLY B 289 5.71 7.25 -13.51
CA GLY B 289 6.27 6.38 -14.52
C GLY B 289 7.61 6.91 -15.00
N MET B 290 7.92 6.68 -16.27
CA MET B 290 9.19 7.11 -16.84
C MET B 290 8.99 8.05 -18.02
N THR B 291 9.95 8.95 -18.23
CA THR B 291 9.98 9.76 -19.44
C THR B 291 10.38 8.88 -20.61
N LEU B 292 10.24 9.40 -21.82
CA LEU B 292 10.61 8.63 -23.01
C LEU B 292 12.10 8.33 -23.01
N GLU B 293 12.89 9.28 -22.56
CA GLU B 293 14.34 9.12 -22.51
C GLU B 293 14.74 8.08 -21.46
N GLN B 294 13.99 8.04 -20.36
CA GLN B 294 14.22 7.05 -19.31
C GLN B 294 13.86 5.65 -19.79
N LYS B 295 12.76 5.55 -20.52
CA LYS B 295 12.35 4.29 -21.12
C LYS B 295 13.38 3.84 -22.17
N GLN B 296 13.84 4.79 -22.97
CA GLN B 296 14.81 4.51 -24.02
C GLN B 296 16.15 4.11 -23.43
N PHE B 297 16.49 4.71 -22.29
CA PHE B 297 17.72 4.38 -21.59
C PHE B 297 17.72 2.93 -21.13
N VAL B 298 16.58 2.47 -20.63
CA VAL B 298 16.43 1.09 -20.20
C VAL B 298 16.55 0.14 -21.39
N LEU B 299 15.93 0.52 -22.50
CA LEU B 299 15.98 -0.26 -23.72
C LEU B 299 17.42 -0.40 -24.22
N ASP B 300 18.19 0.69 -24.12
CA ASP B 300 19.58 0.68 -24.55
C ASP B 300 20.41 -0.28 -23.71
N ILE B 301 20.19 -0.26 -22.40
CA ILE B 301 20.86 -1.17 -21.47
C ILE B 301 20.52 -2.62 -21.82
N ILE B 302 19.24 -2.87 -22.06
CA ILE B 302 18.75 -4.18 -22.44
C ILE B 302 19.40 -4.67 -23.74
N GLU B 303 19.41 -3.81 -24.75
CA GLU B 303 20.00 -4.15 -26.04
C GLU B 303 21.51 -4.35 -25.93
N GLU B 304 22.16 -3.49 -25.14
CA GLU B 304 23.60 -3.55 -24.94
C GLU B 304 24.04 -4.87 -24.31
N GLU B 305 23.11 -5.51 -23.60
CA GLU B 305 23.42 -6.73 -22.87
C GLU B 305 22.70 -7.94 -23.47
N LYS B 306 21.89 -7.68 -24.50
CA LYS B 306 21.15 -8.73 -25.20
C LYS B 306 20.31 -9.59 -24.26
N SER B 307 19.69 -8.94 -23.27
CA SER B 307 18.93 -9.66 -22.27
C SER B 307 17.60 -10.16 -22.81
N LEU B 308 17.13 -9.55 -23.89
CA LEU B 308 15.89 -9.98 -24.53
C LEU B 308 16.10 -11.28 -25.30
N ASP B 309 17.34 -11.51 -25.71
CA ASP B 309 17.71 -12.74 -26.40
C ASP B 309 17.59 -13.94 -25.47
N TYR B 310 17.84 -13.71 -24.17
CA TYR B 310 17.68 -14.75 -23.17
C TYR B 310 16.20 -15.10 -23.05
N THR B 311 15.35 -14.09 -23.11
CA THR B 311 13.91 -14.28 -23.03
C THR B 311 13.43 -15.04 -24.27
N ARG B 312 14.03 -14.75 -25.42
CA ARG B 312 13.70 -15.45 -26.65
C ARG B 312 14.04 -16.94 -26.53
N SER B 313 15.18 -17.22 -25.90
CA SER B 313 15.63 -18.59 -25.72
C SER B 313 14.68 -19.38 -24.82
N VAL B 314 14.23 -18.75 -23.73
CA VAL B 314 13.30 -19.37 -22.81
C VAL B 314 11.97 -19.68 -23.50
N MET B 315 11.50 -18.73 -24.29
CA MET B 315 10.24 -18.88 -25.01
C MET B 315 10.31 -20.01 -26.04
N MET B 316 11.41 -20.08 -26.77
CA MET B 316 11.61 -21.14 -27.75
C MET B 316 11.66 -22.51 -27.06
N ASP B 317 12.31 -22.57 -25.91
CA ASP B 317 12.42 -23.80 -25.15
C ASP B 317 11.04 -24.24 -24.64
N LEU B 318 10.19 -23.26 -24.32
CA LEU B 318 8.83 -23.55 -23.90
C LEU B 318 7.98 -23.99 -25.09
N HIS B 319 8.27 -23.44 -26.26
CA HIS B 319 7.61 -23.83 -27.50
C HIS B 319 7.91 -25.29 -27.81
N VAL B 320 9.16 -25.70 -27.57
CA VAL B 320 9.59 -27.07 -27.82
C VAL B 320 8.85 -28.04 -26.92
N GLN B 321 8.78 -27.71 -25.63
CA GLN B 321 8.09 -28.55 -24.66
C GLN B 321 6.59 -28.61 -24.94
N LEU B 322 6.04 -27.50 -25.42
CA LEU B 322 4.63 -27.43 -25.78
C LEU B 322 4.30 -28.36 -26.94
N ARG B 323 5.11 -28.30 -28.00
CA ARG B 323 4.93 -29.16 -29.15
C ARG B 323 5.09 -30.63 -28.77
N ALA B 324 5.99 -30.89 -27.82
CA ALA B 324 6.21 -32.24 -27.33
C ALA B 324 4.98 -32.74 -26.57
N GLU B 325 4.39 -31.86 -25.76
CA GLU B 325 3.25 -32.22 -24.94
C GLU B 325 2.00 -32.42 -25.78
N ILE B 326 1.82 -31.57 -26.79
CA ILE B 326 0.72 -31.70 -27.72
C ILE B 326 0.85 -33.02 -28.48
N GLY B 327 2.08 -33.36 -28.84
CA GLY B 327 2.35 -34.60 -29.54
C GLY B 327 1.98 -35.84 -28.74
N ARG B 328 2.33 -35.86 -27.46
CA ARG B 328 2.02 -36.98 -26.58
C ARG B 328 0.51 -37.22 -26.49
N ILE B 329 -0.26 -36.15 -26.60
CA ILE B 329 -1.71 -36.23 -26.49
C ILE B 329 -2.36 -36.57 -27.82
N GLU B 330 -1.84 -35.99 -28.90
CA GLU B 330 -2.35 -36.24 -30.25
C GLU B 330 -2.26 -37.71 -30.62
N ILE B 331 -1.25 -38.39 -30.08
CA ILE B 331 -1.05 -39.80 -30.37
C ILE B 331 -1.85 -40.65 -29.39
N LEU B 332 -1.85 -40.27 -28.12
CA LEU B 332 -2.52 -41.03 -27.07
C LEU B 332 -4.03 -41.07 -27.28
N LEU B 333 -4.56 -40.07 -27.97
CA LEU B 333 -6.00 -40.03 -28.26
C LEU B 333 -6.28 -40.36 -29.72
N ASP B 334 -5.22 -40.61 -30.48
CA ASP B 334 -5.30 -40.84 -31.92
C ASP B 334 -6.10 -39.71 -32.58
N SER B 335 -5.78 -38.47 -32.17
CA SER B 335 -6.48 -37.29 -32.64
C SER B 335 -5.55 -36.10 -32.75
N PRO B 336 -4.97 -35.88 -33.94
CA PRO B 336 -4.09 -34.74 -34.17
C PRO B 336 -4.83 -33.42 -33.98
N ASN B 337 -4.15 -32.42 -33.43
CA ASN B 337 -4.80 -31.15 -33.12
C ASN B 337 -4.11 -29.97 -33.80
N PRO B 338 -4.44 -29.74 -35.08
CA PRO B 338 -3.89 -28.59 -35.81
C PRO B 338 -4.26 -27.27 -35.14
N ALA B 339 -5.39 -27.25 -34.43
CA ALA B 339 -5.83 -26.04 -33.75
C ALA B 339 -4.90 -25.65 -32.61
N MET B 340 -4.51 -26.63 -31.79
CA MET B 340 -3.58 -26.38 -30.69
C MET B 340 -2.21 -25.94 -31.20
N ARG B 341 -1.74 -26.60 -32.25
CA ARG B 341 -0.46 -26.27 -32.84
C ARG B 341 -0.51 -24.90 -33.52
N LEU B 342 -1.71 -24.52 -33.97
CA LEU B 342 -1.93 -23.22 -34.59
C LEU B 342 -2.01 -22.13 -33.53
N LEU B 343 -2.57 -22.48 -32.37
CA LEU B 343 -2.60 -21.58 -31.23
C LEU B 343 -1.18 -21.27 -30.78
N LEU B 344 -0.33 -22.29 -30.86
CA LEU B 344 1.07 -22.17 -30.48
C LEU B 344 1.80 -21.14 -31.33
N GLU B 345 1.33 -20.98 -32.57
CA GLU B 345 1.95 -20.05 -33.51
C GLU B 345 1.81 -18.62 -32.99
N LEU B 346 2.74 -18.22 -32.13
CA LEU B 346 2.76 -16.89 -31.53
C LEU B 346 4.14 -16.57 -30.96
N ILE C 45 31.18 44.81 -3.80
CA ILE C 45 31.86 43.53 -3.89
C ILE C 45 31.44 42.61 -2.74
N PHE C 46 31.26 43.20 -1.57
CA PHE C 46 30.85 42.46 -0.38
C PHE C 46 29.48 41.80 -0.60
N PHE C 47 28.68 42.44 -1.43
CA PHE C 47 27.33 41.96 -1.74
C PHE C 47 27.38 40.56 -2.33
N GLU C 48 28.35 40.35 -3.22
CA GLU C 48 28.54 39.05 -3.86
C GLU C 48 28.91 37.98 -2.84
N LYS C 49 29.70 38.38 -1.85
CA LYS C 49 30.12 37.48 -0.79
C LYS C 49 28.96 37.18 0.14
N ALA C 50 28.15 38.19 0.41
CA ALA C 50 26.99 38.05 1.30
C ALA C 50 25.94 37.13 0.68
N VAL C 51 25.76 37.26 -0.63
CA VAL C 51 24.84 36.39 -1.37
C VAL C 51 25.29 34.93 -1.30
N LEU C 52 26.58 34.71 -1.52
CA LEU C 52 27.16 33.37 -1.52
C LEU C 52 27.06 32.69 -0.16
N GLU C 53 27.18 33.48 0.90
CA GLU C 53 27.23 32.93 2.25
C GLU C 53 25.92 33.09 3.03
N ALA C 54 24.91 33.66 2.39
CA ALA C 54 23.62 33.86 3.03
C ALA C 54 22.96 32.56 3.54
N PRO C 55 22.99 31.48 2.73
CA PRO C 55 22.41 30.24 3.26
C PRO C 55 23.20 29.66 4.43
N TYR C 56 24.51 29.88 4.47
CA TYR C 56 25.31 29.41 5.59
C TYR C 56 25.02 30.23 6.83
N ASP C 57 24.97 31.56 6.66
CA ASP C 57 24.74 32.47 7.78
C ASP C 57 23.36 32.26 8.39
N TYR C 58 22.50 31.55 7.66
CA TYR C 58 21.16 31.25 8.14
C TYR C 58 21.17 30.15 9.20
N ILE C 59 21.76 29.01 8.86
CA ILE C 59 21.87 27.90 9.81
C ILE C 59 22.83 28.23 10.95
N ALA C 60 23.86 29.00 10.64
CA ALA C 60 24.85 29.39 11.63
C ALA C 60 24.24 30.27 12.72
N SER C 61 23.17 30.98 12.37
CA SER C 61 22.50 31.84 13.33
C SER C 61 21.56 31.05 14.23
N MET C 62 21.30 29.80 13.84
CA MET C 62 20.41 28.94 14.62
C MET C 62 21.13 28.38 15.85
N PRO C 63 20.37 28.09 16.93
CA PRO C 63 20.94 27.57 18.17
C PRO C 63 21.33 26.10 18.09
N SER C 64 21.35 25.53 16.90
CA SER C 64 21.71 24.12 16.73
C SER C 64 23.14 23.86 17.17
N LYS C 65 23.31 23.60 18.47
CA LYS C 65 24.63 23.40 19.07
C LYS C 65 24.51 22.82 20.46
N GLY C 66 25.64 22.33 20.99
CA GLY C 66 25.68 21.83 22.36
C GLY C 66 26.41 20.51 22.52
N VAL C 67 26.96 19.99 21.44
CA VAL C 67 27.67 18.71 21.49
C VAL C 67 29.05 18.83 20.83
N ARG C 68 29.08 19.40 19.63
CA ARG C 68 30.31 19.53 18.85
C ARG C 68 31.42 20.28 19.60
N ASP C 69 31.10 21.47 20.11
CA ASP C 69 32.08 22.28 20.81
C ASP C 69 32.43 21.71 22.19
N GLN C 70 31.46 21.04 22.82
CA GLN C 70 31.68 20.49 24.15
C GLN C 70 32.62 19.28 24.08
N PHE C 71 32.57 18.57 22.97
CA PHE C 71 33.48 17.44 22.76
C PHE C 71 34.91 17.91 22.58
N ILE C 72 35.06 19.01 21.84
CA ILE C 72 36.37 19.60 21.61
C ILE C 72 36.98 20.09 22.92
N ASP C 73 36.18 20.77 23.73
CA ASP C 73 36.64 21.26 25.03
C ASP C 73 37.00 20.11 25.96
N ALA C 74 36.18 19.06 25.92
CA ALA C 74 36.40 17.88 26.75
C ALA C 74 37.69 17.16 26.36
N LEU C 75 37.88 16.98 25.07
CA LEU C 75 39.07 16.30 24.57
C LEU C 75 40.33 17.13 24.80
N ASN C 76 40.19 18.45 24.77
CA ASN C 76 41.35 19.32 24.89
C ASN C 76 41.88 19.40 26.32
N ASP C 77 41.04 18.99 27.27
CA ASP C 77 41.48 18.89 28.65
C ASP C 77 42.59 17.84 28.75
N TRP C 78 42.53 16.88 27.84
CA TRP C 78 43.56 15.87 27.71
C TRP C 78 44.73 16.37 26.87
N LEU C 79 44.42 16.87 25.67
CA LEU C 79 45.44 17.18 24.68
C LEU C 79 46.11 18.54 24.90
N ARG C 80 45.46 19.42 25.65
CA ARG C 80 46.05 20.70 26.05
C ARG C 80 46.60 21.51 24.88
N VAL C 81 45.86 21.54 23.77
CA VAL C 81 46.21 22.36 22.62
C VAL C 81 45.98 23.83 22.96
N PRO C 82 46.91 24.71 22.55
CA PRO C 82 46.75 26.17 22.74
C PRO C 82 45.37 26.69 22.35
N ASP C 83 44.84 27.64 23.11
CA ASP C 83 43.49 28.14 22.91
C ASP C 83 43.27 28.74 21.53
N VAL C 84 44.33 29.33 20.97
CA VAL C 84 44.25 29.95 19.66
C VAL C 84 44.00 28.90 18.57
N LYS C 85 44.78 27.83 18.59
CA LYS C 85 44.65 26.78 17.58
C LYS C 85 43.34 26.01 17.79
N VAL C 86 42.90 25.91 19.03
CA VAL C 86 41.63 25.28 19.35
C VAL C 86 40.48 26.07 18.73
N GLY C 87 40.62 27.39 18.74
CA GLY C 87 39.63 28.28 18.15
C GLY C 87 39.48 28.04 16.65
N LYS C 88 40.61 27.93 15.96
CA LYS C 88 40.60 27.68 14.52
C LYS C 88 40.03 26.31 14.20
N ILE C 89 40.33 25.34 15.04
CA ILE C 89 39.80 23.99 14.88
C ILE C 89 38.29 23.98 15.12
N LYS C 90 37.86 24.72 16.14
CA LYS C 90 36.43 24.86 16.42
C LYS C 90 35.70 25.51 15.26
N ASP C 91 36.29 26.56 14.70
CA ASP C 91 35.69 27.28 13.58
C ASP C 91 35.58 26.38 12.35
N ALA C 92 36.66 25.66 12.05
CA ALA C 92 36.71 24.81 10.86
C ALA C 92 35.70 23.67 10.95
N VAL C 93 35.63 23.02 12.10
CA VAL C 93 34.70 21.92 12.30
C VAL C 93 33.26 22.42 12.30
N ARG C 94 33.05 23.62 12.84
CA ARG C 94 31.72 24.23 12.86
C ARG C 94 31.21 24.45 11.44
N VAL C 95 32.07 24.94 10.57
CA VAL C 95 31.72 25.17 9.16
C VAL C 95 31.38 23.85 8.47
N LEU C 96 32.19 22.83 8.72
CA LEU C 96 31.95 21.51 8.15
C LEU C 96 30.62 20.93 8.60
N HIS C 97 30.37 20.96 9.91
CA HIS C 97 29.15 20.40 10.48
C HIS C 97 27.90 21.13 9.98
N ASN C 98 27.99 22.45 9.90
CA ASN C 98 26.89 23.26 9.37
C ASN C 98 26.64 22.97 7.89
N SER C 99 27.71 22.74 7.16
CA SER C 99 27.62 22.45 5.73
C SER C 99 26.94 21.10 5.50
N SER C 100 27.25 20.13 6.35
CA SER C 100 26.64 18.82 6.25
C SER C 100 25.15 18.90 6.60
N LEU C 101 24.82 19.84 7.49
CA LEU C 101 23.43 20.08 7.87
C LEU C 101 22.65 20.68 6.70
N LEU C 102 23.30 21.57 5.97
CA LEU C 102 22.70 22.17 4.77
C LEU C 102 22.34 21.08 3.76
N LEU C 103 23.29 20.18 3.51
CA LEU C 103 23.10 19.12 2.53
C LEU C 103 22.06 18.09 3.00
N ASP C 104 22.22 17.60 4.22
CA ASP C 104 21.35 16.56 4.76
C ASP C 104 19.89 16.98 4.82
N ASP C 105 19.64 18.22 5.23
CA ASP C 105 18.27 18.74 5.29
C ASP C 105 17.63 18.74 3.91
N PHE C 106 18.38 19.17 2.91
CA PHE C 106 17.90 19.14 1.52
C PHE C 106 17.70 17.71 1.04
N GLN C 107 18.69 16.87 1.31
CA GLN C 107 18.68 15.49 0.84
C GLN C 107 17.59 14.65 1.50
N ASP C 108 17.22 15.01 2.72
CA ASP C 108 16.17 14.30 3.44
C ASP C 108 14.84 15.04 3.36
N ASN C 109 14.85 16.17 2.65
CA ASN C 109 13.66 16.98 2.45
C ASN C 109 13.00 17.36 3.77
N SER C 110 13.82 17.75 4.74
CA SER C 110 13.31 18.18 6.04
C SER C 110 12.81 19.61 5.95
N PRO C 111 11.55 19.83 6.35
CA PRO C 111 10.94 21.17 6.30
C PRO C 111 11.41 22.08 7.43
N LEU C 112 11.79 21.50 8.56
CA LEU C 112 12.14 22.30 9.74
C LEU C 112 13.51 21.97 10.31
N ARG C 113 14.20 23.01 10.77
CA ARG C 113 15.47 22.87 11.49
C ARG C 113 15.45 23.81 12.69
N ARG C 114 15.50 23.22 13.88
CA ARG C 114 15.41 23.96 15.14
C ARG C 114 14.18 24.85 15.23
N GLY C 115 13.04 24.34 14.76
CA GLY C 115 11.78 25.04 14.90
C GLY C 115 11.50 26.07 13.81
N LYS C 116 12.55 26.41 13.05
CA LYS C 116 12.42 27.38 11.97
C LYS C 116 12.48 26.65 10.62
N PRO C 117 12.05 27.32 9.54
CA PRO C 117 12.12 26.71 8.21
C PRO C 117 13.54 26.29 7.86
N SER C 118 13.69 25.11 7.26
CA SER C 118 15.00 24.66 6.81
C SER C 118 15.53 25.61 5.75
N THR C 119 16.84 25.60 5.56
CA THR C 119 17.51 26.61 4.74
C THR C 119 17.02 26.62 3.30
N HIS C 120 16.74 25.45 2.75
CA HIS C 120 16.30 25.36 1.36
C HIS C 120 14.83 25.77 1.21
N ASN C 121 14.17 26.05 2.32
CA ASN C 121 12.83 26.63 2.27
C ASN C 121 12.91 28.14 2.42
N ILE C 122 14.15 28.64 2.44
CA ILE C 122 14.40 30.07 2.47
C ILE C 122 15.03 30.49 1.15
N PHE C 123 16.06 29.77 0.74
CA PHE C 123 16.87 30.13 -0.43
C PHE C 123 16.67 29.21 -1.62
N GLY C 124 15.89 28.15 -1.44
CA GLY C 124 15.71 27.16 -2.48
C GLY C 124 16.84 26.14 -2.45
N SER C 125 16.62 25.00 -3.10
CA SER C 125 17.58 23.91 -3.06
C SER C 125 18.89 24.25 -3.78
N ALA C 126 18.79 24.95 -4.90
CA ALA C 126 19.95 25.28 -5.73
C ALA C 126 20.98 26.12 -4.98
N GLN C 127 20.55 27.24 -4.42
CA GLN C 127 21.44 28.13 -3.69
C GLN C 127 22.02 27.46 -2.46
N THR C 128 21.19 26.68 -1.77
CA THR C 128 21.60 25.98 -0.56
C THR C 128 22.71 24.98 -0.83
N VAL C 129 22.53 24.16 -1.87
CA VAL C 129 23.52 23.17 -2.24
C VAL C 129 24.84 23.82 -2.67
N ASN C 130 24.75 24.87 -3.47
CA ASN C 130 25.93 25.58 -3.96
C ASN C 130 26.75 26.21 -2.82
N THR C 131 26.05 26.86 -1.91
CA THR C 131 26.68 27.47 -0.74
C THR C 131 27.34 26.42 0.15
N ALA C 132 26.61 25.34 0.38
CA ALA C 132 27.08 24.25 1.23
C ALA C 132 28.37 23.64 0.71
N THR C 133 28.40 23.33 -0.58
CA THR C 133 29.58 22.77 -1.22
C THR C 133 30.75 23.74 -1.14
N TYR C 134 30.46 25.02 -1.38
CA TYR C 134 31.48 26.06 -1.25
C TYR C 134 32.04 26.12 0.16
N SER C 135 31.15 26.05 1.15
CA SER C 135 31.54 26.15 2.55
C SER C 135 32.45 25.01 2.97
N ILE C 136 32.23 23.82 2.40
CA ILE C 136 33.09 22.68 2.67
C ILE C 136 34.51 22.93 2.17
N ILE C 137 34.60 23.45 0.95
CA ILE C 137 35.90 23.80 0.36
C ILE C 137 36.61 24.87 1.18
N LYS C 138 35.83 25.86 1.62
CA LYS C 138 36.35 26.96 2.43
C LYS C 138 36.95 26.46 3.75
N ALA C 139 36.25 25.53 4.39
CA ALA C 139 36.69 24.97 5.66
C ALA C 139 37.99 24.20 5.51
N ILE C 140 38.08 23.41 4.45
CA ILE C 140 39.29 22.64 4.16
C ILE C 140 40.47 23.57 3.96
N GLY C 141 40.24 24.67 3.25
CA GLY C 141 41.26 25.68 3.05
C GLY C 141 41.73 26.29 4.36
N GLN C 142 40.79 26.51 5.27
CA GLN C 142 41.11 27.00 6.60
C GLN C 142 41.95 25.99 7.36
N ILE C 143 41.57 24.72 7.27
CA ILE C 143 42.32 23.63 7.90
C ILE C 143 43.74 23.57 7.34
N MET C 144 43.85 23.73 6.02
CA MET C 144 45.16 23.77 5.36
C MET C 144 46.01 24.94 5.85
N GLU C 145 45.35 25.99 6.32
CA GLU C 145 46.04 27.23 6.66
C GLU C 145 46.78 27.15 8.00
N PHE C 146 46.45 26.17 8.83
CA PHE C 146 47.13 26.01 10.11
C PHE C 146 47.71 24.60 10.31
N SER C 147 47.50 23.73 9.33
CA SER C 147 48.05 22.38 9.40
C SER C 147 48.50 21.88 8.03
N ALA C 148 49.66 21.23 7.99
CA ALA C 148 50.22 20.72 6.75
C ALA C 148 50.54 19.22 6.87
N GLY C 149 51.21 18.70 5.85
CA GLY C 149 51.65 17.31 5.87
C GLY C 149 50.51 16.30 5.76
N GLU C 150 50.73 15.12 6.32
CA GLU C 150 49.76 14.03 6.26
C GLU C 150 48.53 14.31 7.10
N SER C 151 48.58 15.36 7.90
CA SER C 151 47.43 15.78 8.69
C SER C 151 46.27 16.16 7.76
N VAL C 152 46.59 16.87 6.69
CA VAL C 152 45.59 17.27 5.71
C VAL C 152 45.06 16.06 4.96
N GLN C 153 45.98 15.21 4.50
CA GLN C 153 45.60 14.03 3.72
C GLN C 153 44.87 13.01 4.59
N GLU C 154 44.84 13.25 5.90
CA GLU C 154 44.09 12.41 6.83
C GLU C 154 42.68 12.96 6.99
N VAL C 155 42.57 14.28 7.13
CA VAL C 155 41.28 14.95 7.24
C VAL C 155 40.51 14.86 5.93
N MET C 156 41.23 15.06 4.83
CA MET C 156 40.66 14.91 3.48
C MET C 156 40.06 13.52 3.31
N ASN C 157 40.84 12.51 3.68
CA ASN C 157 40.40 11.12 3.61
C ASN C 157 39.22 10.87 4.55
N SER C 158 39.24 11.55 5.69
CA SER C 158 38.19 11.38 6.69
C SER C 158 36.88 12.03 6.24
N ILE C 159 37.00 13.17 5.56
CA ILE C 159 35.83 13.87 5.03
C ILE C 159 35.16 13.05 3.94
N MET C 160 35.95 12.38 3.13
CA MET C 160 35.43 11.55 2.04
C MET C 160 34.63 10.37 2.57
N ILE C 161 35.00 9.87 3.76
CA ILE C 161 34.30 8.75 4.37
C ILE C 161 32.91 9.18 4.82
N LEU C 162 32.77 10.44 5.21
CA LEU C 162 31.47 11.02 5.55
C LEU C 162 30.50 10.89 4.38
N PHE C 163 30.98 11.21 3.19
CA PHE C 163 30.16 11.12 1.99
C PHE C 163 29.88 9.66 1.62
N GLN C 164 30.84 8.78 1.90
CA GLN C 164 30.64 7.36 1.67
C GLN C 164 29.50 6.84 2.55
N GLY C 165 29.43 7.35 3.77
CA GLY C 165 28.37 6.97 4.68
C GLY C 165 27.02 7.53 4.26
N GLN C 166 27.01 8.81 3.87
CA GLN C 166 25.81 9.44 3.36
C GLN C 166 25.29 8.74 2.11
N ALA C 167 26.23 8.29 1.27
CA ALA C 167 25.88 7.58 0.04
C ALA C 167 25.03 6.36 0.33
N MET C 168 25.50 5.52 1.26
CA MET C 168 24.78 4.32 1.65
C MET C 168 23.43 4.66 2.26
N ASP C 169 23.39 5.71 3.07
CA ASP C 169 22.15 6.21 3.64
C ASP C 169 21.16 6.55 2.53
N LEU C 170 21.56 7.45 1.66
CA LEU C 170 20.70 7.92 0.57
C LEU C 170 20.32 6.81 -0.40
N PHE C 171 21.28 5.93 -0.68
CA PHE C 171 21.07 4.83 -1.63
C PHE C 171 20.02 3.85 -1.14
N TRP C 172 19.97 3.63 0.17
CA TRP C 172 19.05 2.66 0.77
C TRP C 172 17.60 3.14 0.74
N THR C 173 17.36 4.40 1.09
CA THR C 173 15.99 4.92 1.12
C THR C 173 15.46 5.10 -0.30
N TYR C 174 16.35 5.48 -1.22
CA TYR C 174 15.95 5.76 -2.60
C TYR C 174 15.58 4.50 -3.36
N ASN C 175 16.27 3.40 -3.05
CA ASN C 175 16.01 2.14 -3.73
C ASN C 175 15.23 1.16 -2.86
N GLY C 176 14.77 1.64 -1.71
CA GLY C 176 13.92 0.85 -0.82
C GLY C 176 14.54 -0.42 -0.27
N HIS C 177 15.81 -0.34 0.11
CA HIS C 177 16.50 -1.48 0.72
C HIS C 177 16.56 -1.34 2.23
N VAL C 178 16.08 -2.36 2.94
CA VAL C 178 16.17 -2.39 4.39
C VAL C 178 17.53 -2.92 4.81
N PRO C 179 18.32 -2.08 5.49
CA PRO C 179 19.67 -2.47 5.90
C PRO C 179 19.68 -3.38 7.13
N SER C 180 20.72 -4.19 7.27
CA SER C 180 20.89 -5.01 8.46
C SER C 180 21.43 -4.14 9.58
N GLU C 181 21.55 -4.71 10.78
CA GLU C 181 22.07 -3.95 11.91
C GLU C 181 23.54 -3.58 11.69
N GLU C 182 24.30 -4.49 11.10
CA GLU C 182 25.72 -4.25 10.86
C GLU C 182 25.95 -3.20 9.78
N GLU C 183 25.19 -3.31 8.69
CA GLU C 183 25.24 -2.32 7.62
C GLU C 183 24.91 -0.93 8.16
N TYR C 184 23.90 -0.88 9.03
CA TYR C 184 23.45 0.36 9.64
C TYR C 184 24.52 0.95 10.54
N TYR C 185 25.17 0.10 11.33
CA TYR C 185 26.22 0.55 12.24
C TYR C 185 27.44 1.06 11.47
N ARG C 186 27.82 0.33 10.43
CA ARG C 186 28.93 0.74 9.57
C ARG C 186 28.62 2.07 8.89
N MET C 187 27.37 2.23 8.47
CA MET C 187 26.89 3.47 7.87
C MET C 187 27.00 4.63 8.87
N ILE C 188 26.75 4.33 10.14
CA ILE C 188 26.83 5.34 11.19
C ILE C 188 28.27 5.75 11.47
N ASP C 189 29.16 4.76 11.53
CA ASP C 189 30.58 5.01 11.78
C ASP C 189 31.17 5.92 10.71
N GLN C 190 30.63 5.84 9.50
CA GLN C 190 31.14 6.60 8.37
C GLN C 190 30.58 8.02 8.33
N LYS C 191 29.28 8.18 8.56
CA LYS C 191 28.64 9.48 8.37
C LYS C 191 28.59 10.33 9.63
N THR C 192 28.70 9.71 10.80
CA THR C 192 28.57 10.45 12.04
C THR C 192 29.83 10.36 12.90
N GLY C 193 30.27 9.14 13.20
CA GLY C 193 31.43 8.92 14.04
C GLY C 193 32.69 9.53 13.47
N GLN C 194 32.71 9.69 12.15
CA GLN C 194 33.87 10.24 11.46
C GLN C 194 34.01 11.74 11.74
N LEU C 195 32.90 12.39 12.05
CA LEU C 195 32.91 13.82 12.37
C LEU C 195 33.67 14.08 13.66
N PHE C 196 33.48 13.21 14.65
CA PHE C 196 34.24 13.26 15.89
C PHE C 196 35.71 13.00 15.60
N SER C 197 35.97 12.03 14.74
CA SER C 197 37.33 11.62 14.39
C SER C 197 38.13 12.77 13.78
N ILE C 198 37.46 13.58 12.95
CA ILE C 198 38.09 14.73 12.32
C ILE C 198 38.58 15.71 13.36
N ALA C 199 37.72 16.01 14.34
CA ALA C 199 38.04 16.95 15.40
C ALA C 199 39.22 16.47 16.24
N THR C 200 39.26 15.17 16.52
CA THR C 200 40.33 14.60 17.32
C THR C 200 41.64 14.58 16.55
N SER C 201 41.57 14.25 15.28
CA SER C 201 42.73 14.22 14.41
C SER C 201 43.39 15.59 14.36
N LEU C 202 42.57 16.62 14.24
CA LEU C 202 43.07 18.00 14.24
C LEU C 202 43.70 18.37 15.57
N LEU C 203 43.02 18.03 16.67
CA LEU C 203 43.51 18.33 18.00
C LEU C 203 44.77 17.55 18.34
N LEU C 204 44.81 16.29 17.91
CA LEU C 204 45.94 15.42 18.21
C LEU C 204 47.19 15.87 17.46
N ASN C 205 47.00 16.39 16.24
CA ASN C 205 48.11 16.90 15.45
C ASN C 205 48.67 18.20 16.01
N ALA C 206 47.94 18.79 16.95
CA ALA C 206 48.37 20.04 17.58
C ALA C 206 48.53 19.86 19.09
N ALA C 207 48.63 18.61 19.52
CA ALA C 207 48.74 18.29 20.94
C ALA C 207 50.05 18.77 21.53
N ASP C 208 50.07 18.95 22.85
CA ASP C 208 51.26 19.36 23.58
C ASP C 208 52.34 18.29 23.53
N ASN C 209 53.60 18.70 23.65
CA ASN C 209 54.73 17.79 23.55
C ASN C 209 54.78 16.75 24.67
N GLU C 210 54.12 17.02 25.78
CA GLU C 210 54.11 16.09 26.91
C GLU C 210 53.13 14.95 26.71
N ILE C 211 52.62 14.81 25.50
CA ILE C 211 51.60 13.81 25.21
C ILE C 211 52.00 12.87 24.09
N PRO C 212 52.05 11.56 24.39
CA PRO C 212 52.39 10.50 23.43
C PRO C 212 51.24 10.19 22.49
N ARG C 213 51.18 10.89 21.37
CA ARG C 213 50.08 10.73 20.41
C ARG C 213 50.17 9.44 19.61
N THR C 214 51.03 8.52 20.05
CA THR C 214 51.13 7.21 19.42
C THR C 214 50.54 6.14 20.33
N LYS C 215 50.80 6.24 21.63
CA LYS C 215 50.18 5.36 22.61
C LYS C 215 48.67 5.62 22.64
N ILE C 216 48.30 6.88 22.51
CA ILE C 216 46.93 7.32 22.70
C ILE C 216 46.01 6.93 21.54
N GLN C 217 46.54 6.94 20.33
CA GLN C 217 45.78 6.55 19.15
C GLN C 217 45.17 5.16 19.32
N SER C 218 44.12 4.90 18.52
CA SER C 218 43.28 3.70 18.60
C SER C 218 42.40 3.70 19.86
N CYS C 219 42.89 4.22 20.97
CA CYS C 219 42.04 4.44 22.14
C CYS C 219 41.09 5.59 21.83
N LEU C 220 41.62 6.62 21.18
CA LEU C 220 40.82 7.76 20.76
C LEU C 220 39.91 7.37 19.61
N HIS C 221 40.40 6.50 18.73
CA HIS C 221 39.62 6.01 17.62
C HIS C 221 38.46 5.14 18.12
N ARG C 222 38.72 4.40 19.19
CA ARG C 222 37.68 3.58 19.82
C ARG C 222 36.66 4.48 20.50
N LEU C 223 37.14 5.59 21.04
CA LEU C 223 36.27 6.54 21.72
C LEU C 223 35.29 7.21 20.75
N THR C 224 35.84 7.83 19.71
CA THR C 224 35.04 8.54 18.72
C THR C 224 34.04 7.62 18.02
N ARG C 225 34.46 6.39 17.78
CA ARG C 225 33.61 5.39 17.14
C ARG C 225 32.40 5.07 18.02
N LEU C 226 32.65 4.84 19.31
CA LEU C 226 31.59 4.59 20.28
C LEU C 226 30.72 5.83 20.44
N LEU C 227 31.37 6.98 20.52
CA LEU C 227 30.70 8.24 20.78
C LEU C 227 29.79 8.63 19.62
N GLY C 228 30.28 8.46 18.40
CA GLY C 228 29.50 8.76 17.22
C GLY C 228 28.33 7.80 17.06
N ARG C 229 28.57 6.54 17.41
CA ARG C 229 27.52 5.52 17.36
C ARG C 229 26.47 5.79 18.43
N CYS C 230 26.92 6.26 19.59
CA CYS C 230 25.99 6.57 20.67
C CYS C 230 25.19 7.83 20.36
N PHE C 231 25.84 8.80 19.74
CA PHE C 231 25.21 10.06 19.38
C PHE C 231 24.13 9.87 18.31
N GLN C 232 24.46 9.11 17.27
CA GLN C 232 23.57 8.92 16.13
C GLN C 232 22.38 8.03 16.48
N ILE C 233 22.63 6.95 17.20
CA ILE C 233 21.57 6.06 17.65
C ILE C 233 20.59 6.82 18.53
N ARG C 234 21.13 7.68 19.39
CA ARG C 234 20.32 8.55 20.22
C ARG C 234 19.54 9.54 19.35
N ASP C 235 20.20 10.02 18.29
CA ASP C 235 19.59 10.97 17.38
C ASP C 235 18.39 10.36 16.65
N ASP C 236 18.58 9.17 16.11
CA ASP C 236 17.50 8.45 15.44
C ASP C 236 16.41 8.07 16.44
N TYR C 237 16.83 7.75 17.65
CA TYR C 237 15.91 7.40 18.73
C TYR C 237 15.02 8.59 19.08
N GLN C 238 15.67 9.68 19.48
CA GLN C 238 14.98 10.88 19.95
C GLN C 238 13.99 11.43 18.95
N ASN C 239 14.27 11.26 17.66
CA ASN C 239 13.43 11.77 16.59
C ASN C 239 12.00 11.19 16.63
N LEU C 240 11.85 10.01 17.22
CA LEU C 240 10.56 9.33 17.27
C LEU C 240 9.92 9.39 18.66
N VAL C 241 10.66 9.92 19.63
CA VAL C 241 10.25 9.86 21.03
C VAL C 241 9.96 11.23 21.64
N SER C 242 10.68 12.25 21.18
CA SER C 242 10.77 13.51 21.92
C SER C 242 10.03 14.72 21.34
N ALA C 243 10.23 15.82 22.05
CA ALA C 243 9.77 17.16 21.70
C ALA C 243 10.49 18.10 22.68
N ASP C 244 11.58 18.79 22.32
CA ASP C 244 12.29 18.92 21.02
C ASP C 244 11.86 18.21 19.74
N TYR C 245 12.22 16.95 19.56
CA TYR C 245 12.01 16.25 18.29
C TYR C 245 10.53 16.11 17.90
N THR C 246 9.86 17.25 17.85
CA THR C 246 8.49 17.38 17.35
C THR C 246 8.27 18.87 17.26
N LYS C 247 8.98 19.56 18.15
CA LYS C 247 8.96 21.01 18.18
C LYS C 247 10.07 21.56 17.30
N GLN C 248 11.18 20.83 17.21
CA GLN C 248 12.35 21.28 16.47
C GLN C 248 12.34 20.83 15.00
N LYS C 249 11.79 19.65 14.74
CA LYS C 249 11.87 19.07 13.40
C LYS C 249 10.50 18.70 12.85
N GLY C 250 9.47 18.82 13.69
CA GLY C 250 8.15 18.34 13.33
C GLY C 250 7.98 16.93 13.86
N PHE C 251 6.74 16.44 13.82
CA PHE C 251 6.41 15.15 14.39
C PHE C 251 6.96 14.00 13.54
N CYS C 252 7.86 13.22 14.13
CA CYS C 252 8.47 12.06 13.48
C CYS C 252 9.03 12.38 12.10
N GLU C 253 10.02 13.27 12.08
CA GLU C 253 10.60 13.74 10.82
C GLU C 253 11.33 12.62 10.07
N ASP C 254 11.90 11.67 10.80
CA ASP C 254 12.63 10.55 10.18
C ASP C 254 11.73 9.69 9.31
N LEU C 255 10.45 9.64 9.63
CA LEU C 255 9.51 8.81 8.89
C LEU C 255 9.10 9.49 7.57
N ASP C 256 9.26 10.81 7.50
CA ASP C 256 9.08 11.53 6.25
C ASP C 256 10.27 11.24 5.34
N GLU C 257 11.47 11.33 5.92
CA GLU C 257 12.70 11.03 5.21
C GLU C 257 12.72 9.58 4.74
N GLY C 258 12.14 8.69 5.53
CA GLY C 258 12.20 7.26 5.27
C GLY C 258 13.48 6.70 5.85
N LYS C 259 13.99 7.36 6.89
CA LYS C 259 15.24 6.96 7.52
C LYS C 259 15.10 5.62 8.23
N TRP C 260 16.20 4.88 8.30
CA TRP C 260 16.20 3.58 8.96
C TRP C 260 16.81 3.68 10.35
N SER C 261 15.98 4.01 11.34
CA SER C 261 16.43 4.04 12.72
C SER C 261 16.62 2.62 13.24
N LEU C 262 17.29 2.48 14.38
CA LEU C 262 17.60 1.16 14.94
C LEU C 262 16.33 0.42 15.34
N ALA C 263 15.31 1.17 15.75
CA ALA C 263 14.03 0.59 16.11
C ALA C 263 13.36 -0.09 14.91
N LEU C 264 13.31 0.64 13.79
CA LEU C 264 12.71 0.13 12.57
C LEU C 264 13.42 -1.12 12.06
N ILE C 265 14.75 -1.07 12.08
CA ILE C 265 15.57 -2.14 11.54
C ILE C 265 15.43 -3.44 12.33
N HIS C 266 15.29 -3.32 13.64
CA HIS C 266 15.19 -4.48 14.53
C HIS C 266 13.99 -5.37 14.20
N MET C 267 12.90 -4.75 13.76
CA MET C 267 11.69 -5.48 13.45
C MET C 267 11.81 -6.22 12.13
N ILE C 268 12.01 -5.48 11.05
CA ILE C 268 12.11 -6.05 9.71
C ILE C 268 13.36 -6.91 9.57
N SER C 273 6.74 -11.46 11.41
CA SER C 273 5.47 -10.93 10.90
C SER C 273 5.39 -9.42 11.05
N HIS C 274 5.79 -8.69 10.00
CA HIS C 274 5.78 -7.23 10.01
C HIS C 274 5.47 -6.67 8.61
N MET C 275 4.36 -7.11 8.05
CA MET C 275 4.04 -6.82 6.66
C MET C 275 3.51 -5.41 6.43
N ALA C 276 2.66 -4.94 7.34
CA ALA C 276 2.00 -3.64 7.21
C ALA C 276 3.00 -2.49 7.26
N LEU C 277 4.03 -2.62 8.09
CA LEU C 277 5.02 -1.55 8.25
C LEU C 277 5.86 -1.37 7.00
N LEU C 278 6.10 -2.47 6.29
CA LEU C 278 6.89 -2.42 5.05
C LEU C 278 6.19 -1.60 3.98
N ASN C 279 4.88 -1.76 3.89
CA ASN C 279 4.10 -1.13 2.83
C ASN C 279 3.87 0.37 3.05
N VAL C 280 3.68 0.78 4.29
CA VAL C 280 3.44 2.19 4.59
C VAL C 280 4.70 3.01 4.31
N LEU C 281 5.86 2.42 4.55
CA LEU C 281 7.12 3.04 4.21
C LEU C 281 7.23 3.22 2.69
N SER C 282 6.74 2.23 1.96
CA SER C 282 6.70 2.28 0.51
C SER C 282 5.70 3.35 0.06
N THR C 283 4.56 3.40 0.73
CA THR C 283 3.57 4.42 0.49
C THR C 283 4.17 5.79 0.79
N GLY C 284 5.01 5.83 1.82
CA GLY C 284 5.71 7.04 2.20
C GLY C 284 6.75 7.44 1.17
N ARG C 285 7.28 6.46 0.45
CA ARG C 285 8.25 6.72 -0.61
C ARG C 285 7.57 7.24 -1.86
N LYS C 286 6.42 6.65 -2.20
CA LYS C 286 5.68 7.07 -3.38
C LYS C 286 5.05 8.45 -3.18
N HIS C 287 4.52 8.69 -1.99
CA HIS C 287 4.04 10.02 -1.63
C HIS C 287 5.22 10.88 -1.18
N GLY C 288 4.97 12.16 -0.96
CA GLY C 288 6.04 13.08 -0.55
C GLY C 288 6.58 12.73 0.83
N GLY C 289 5.74 12.09 1.63
CA GLY C 289 6.11 11.66 2.96
C GLY C 289 4.97 10.91 3.61
N MET C 290 4.85 11.05 4.93
CA MET C 290 3.77 10.40 5.66
C MET C 290 2.79 11.41 6.25
N THR C 291 1.52 11.00 6.35
CA THR C 291 0.52 11.79 7.04
C THR C 291 0.73 11.68 8.54
N LEU C 292 0.07 12.53 9.31
CA LEU C 292 0.18 12.48 10.77
C LEU C 292 -0.35 11.16 11.30
N GLU C 293 -1.36 10.64 10.61
CA GLU C 293 -2.00 9.38 11.00
C GLU C 293 -1.12 8.19 10.66
N GLN C 294 -0.35 8.31 9.58
CA GLN C 294 0.54 7.24 9.15
C GLN C 294 1.75 7.11 10.09
N LYS C 295 2.28 8.26 10.50
CA LYS C 295 3.40 8.29 11.44
C LYS C 295 3.02 7.65 12.76
N GLN C 296 1.80 7.95 13.21
CA GLN C 296 1.30 7.42 14.47
C GLN C 296 1.15 5.90 14.41
N PHE C 297 0.83 5.38 13.24
CA PHE C 297 0.67 3.95 13.05
C PHE C 297 2.02 3.23 13.22
N VAL C 298 3.08 3.87 12.74
CA VAL C 298 4.42 3.32 12.87
C VAL C 298 4.81 3.24 14.34
N LEU C 299 4.49 4.30 15.09
CA LEU C 299 4.79 4.37 16.51
C LEU C 299 4.10 3.25 17.29
N ASP C 300 2.86 2.94 16.91
CA ASP C 300 2.08 1.91 17.59
C ASP C 300 2.72 0.53 17.45
N ILE C 301 3.22 0.23 16.25
CA ILE C 301 3.88 -1.05 15.99
C ILE C 301 5.17 -1.14 16.79
N ILE C 302 5.93 -0.04 16.80
CA ILE C 302 7.16 0.05 17.58
C ILE C 302 6.87 -0.18 19.07
N GLU C 303 5.84 0.48 19.56
CA GLU C 303 5.44 0.36 20.96
C GLU C 303 5.00 -1.07 21.31
N GLU C 304 4.22 -1.67 20.42
CA GLU C 304 3.66 -3.01 20.65
C GLU C 304 4.76 -4.06 20.71
N GLU C 305 5.80 -3.86 19.92
CA GLU C 305 6.91 -4.80 19.84
C GLU C 305 8.05 -4.39 20.77
N LYS C 306 7.84 -3.30 21.50
CA LYS C 306 8.81 -2.76 22.44
C LYS C 306 10.17 -2.51 21.81
N SER C 307 10.18 -1.99 20.58
CA SER C 307 11.41 -1.71 19.87
C SER C 307 12.16 -0.56 20.53
N LEU C 308 11.42 0.29 21.23
CA LEU C 308 12.00 1.41 21.97
C LEU C 308 12.93 0.89 23.06
N ASP C 309 12.57 -0.24 23.65
CA ASP C 309 13.35 -0.83 24.72
C ASP C 309 14.69 -1.36 24.23
N TYR C 310 14.69 -1.94 23.03
CA TYR C 310 15.91 -2.52 22.46
C TYR C 310 16.98 -1.46 22.28
N THR C 311 16.62 -0.36 21.63
CA THR C 311 17.56 0.73 21.41
C THR C 311 18.01 1.34 22.74
N ARG C 312 17.12 1.33 23.73
CA ARG C 312 17.45 1.81 25.07
C ARG C 312 18.50 0.92 25.72
N SER C 313 18.43 -0.38 25.45
CA SER C 313 19.40 -1.32 26.00
C SER C 313 20.75 -1.15 25.31
N VAL C 314 20.71 -0.93 24.00
CA VAL C 314 21.93 -0.76 23.19
C VAL C 314 22.72 0.46 23.66
N MET C 315 22.01 1.55 23.93
CA MET C 315 22.66 2.79 24.33
C MET C 315 23.24 2.73 25.73
N MET C 316 22.63 1.91 26.59
CA MET C 316 23.15 1.72 27.94
C MET C 316 24.44 0.92 27.90
N ASP C 317 24.51 -0.02 26.96
CA ASP C 317 25.72 -0.81 26.75
C ASP C 317 26.84 0.06 26.18
N LEU C 318 26.46 0.99 25.32
CA LEU C 318 27.42 1.95 24.76
C LEU C 318 27.95 2.86 25.86
N HIS C 319 27.09 3.21 26.80
CA HIS C 319 27.48 4.02 27.94
C HIS C 319 28.53 3.29 28.78
N VAL C 320 28.38 1.96 28.87
CA VAL C 320 29.31 1.13 29.62
C VAL C 320 30.69 1.10 28.94
N GLN C 321 30.70 0.82 27.63
CA GLN C 321 31.94 0.74 26.88
C GLN C 321 32.67 2.07 26.86
N LEU C 322 31.91 3.16 26.77
CA LEU C 322 32.47 4.50 26.75
C LEU C 322 33.18 4.84 28.06
N ARG C 323 32.58 4.47 29.18
CA ARG C 323 33.18 4.70 30.49
C ARG C 323 34.47 3.91 30.64
N ALA C 324 34.47 2.68 30.14
CA ALA C 324 35.64 1.83 30.20
C ALA C 324 36.77 2.42 29.35
N GLU C 325 36.41 3.00 28.22
CA GLU C 325 37.38 3.60 27.30
C GLU C 325 37.99 4.88 27.87
N ILE C 326 37.14 5.75 28.40
CA ILE C 326 37.61 7.00 29.02
C ILE C 326 38.55 6.69 30.18
N GLY C 327 38.24 5.65 30.93
CA GLY C 327 39.06 5.22 32.04
C GLY C 327 40.45 4.83 31.61
N ARG C 328 40.54 4.00 30.57
CA ARG C 328 41.82 3.56 30.02
C ARG C 328 42.67 4.74 29.61
N ILE C 329 42.04 5.72 28.97
CA ILE C 329 42.75 6.91 28.51
C ILE C 329 43.17 7.77 29.70
N GLU C 330 42.32 7.82 30.72
CA GLU C 330 42.64 8.56 31.94
C GLU C 330 43.86 7.99 32.65
N ILE C 331 43.97 6.67 32.68
CA ILE C 331 45.15 6.01 33.24
C ILE C 331 46.36 6.24 32.35
N LEU C 332 46.19 6.08 31.04
CA LEU C 332 47.28 6.20 30.09
C LEU C 332 47.87 7.61 30.04
N LEU C 333 47.01 8.60 30.21
CA LEU C 333 47.46 10.00 30.18
C LEU C 333 47.70 10.54 31.59
N ASP C 334 47.41 9.73 32.61
CA ASP C 334 47.54 10.13 34.00
C ASP C 334 46.78 11.44 34.23
N SER C 335 45.58 11.52 33.68
CA SER C 335 44.78 12.74 33.72
C SER C 335 43.29 12.43 33.64
N PRO C 336 42.53 12.82 34.69
CA PRO C 336 41.09 12.60 34.72
C PRO C 336 40.36 13.58 33.80
N ASN C 337 39.24 13.15 33.23
CA ASN C 337 38.48 14.01 32.34
C ASN C 337 37.01 14.04 32.73
N PRO C 338 36.67 14.87 33.71
CA PRO C 338 35.27 15.00 34.16
C PRO C 338 34.38 15.58 33.08
N ALA C 339 34.98 16.31 32.13
CA ALA C 339 34.22 16.92 31.03
C ALA C 339 33.69 15.87 30.07
N MET C 340 34.53 14.92 29.69
CA MET C 340 34.12 13.83 28.79
C MET C 340 33.02 12.99 29.42
N ARG C 341 33.16 12.71 30.71
CA ARG C 341 32.16 11.94 31.43
C ARG C 341 30.88 12.76 31.57
N LEU C 342 31.03 14.07 31.69
CA LEU C 342 29.90 14.98 31.75
C LEU C 342 29.17 15.01 30.41
N LEU C 343 29.95 15.08 29.34
CA LEU C 343 29.43 15.06 27.98
C LEU C 343 28.72 13.74 27.70
N LEU C 344 29.24 12.67 28.27
CA LEU C 344 28.69 11.33 28.07
C LEU C 344 27.26 11.24 28.59
N GLU C 345 26.97 11.98 29.66
CA GLU C 345 25.67 11.92 30.30
C GLU C 345 24.62 12.72 29.54
N LEU C 346 24.54 12.49 28.23
CA LEU C 346 23.56 13.16 27.40
C LEU C 346 22.58 12.16 26.81
N LEU C 347 21.57 11.80 27.60
CA LEU C 347 20.53 10.88 27.16
C LEU C 347 19.17 11.37 27.64
#